data_8UGC
#
_entry.id   8UGC
#
_cell.length_a   65.666
_cell.length_b   122.784
_cell.length_c   89.995
_cell.angle_alpha   90.000
_cell.angle_beta   97.610
_cell.angle_gamma   90.000
#
_symmetry.space_group_name_H-M   'P 1 21 1'
#
_entity_poly.entity_id   1
_entity_poly.type   'polypeptide(L)'
_entity_poly.pdbx_seq_one_letter_code
;GSWSGGSGGEAADEARRAIEAALEEARAAADEARSDSTGETVKKAVDKAEKAAEDAFREIKQAVNQAEKQGASEAAFEAF
AAIAAAAAEAAAAAFEAFSDSTGETVAEAVAKALKAAMEAFAEIAKAVAQAAKQGASEAAFEAFAAIAAAAAEAAAAAFE
AFSDSTGETVAEAVAKALKAAMEAFAEIAKAVAQAAKQGASEAAFEAFAAIAAAAAEAAAAAFEAFSDSTGETVAEAVAK
ALKAAMEAFAEIAKAVAQAAKQGASEAAFEAFAAIAAAAAEAAAAAFEAFSDSTGETVAEAVAKALKAAMEAFAEIAKAV
AQAAKQGASEEAFEKFAAIAAEAAEAAAAAFERFSDSTGETEAEKVAKELKQLMEEFAERAKSVAEQAKNGAS
;
_entity_poly.pdbx_strand_id   A,B
#
# COMPACT_ATOMS: atom_id res chain seq x y z
N GLU A 10 3.89 -38.54 8.56
CA GLU A 10 4.13 -37.91 9.85
C GLU A 10 4.83 -36.57 9.66
N ALA A 11 5.06 -36.19 8.40
CA ALA A 11 5.74 -34.94 8.11
C ALA A 11 4.85 -33.74 8.40
N ALA A 12 3.63 -33.75 7.88
CA ALA A 12 2.68 -32.68 8.21
C ALA A 12 2.32 -32.71 9.69
N ASP A 13 2.47 -33.86 10.36
CA ASP A 13 2.25 -33.93 11.80
C ASP A 13 3.32 -33.16 12.55
N GLU A 14 4.59 -33.35 12.16
CA GLU A 14 5.67 -32.58 12.78
C GLU A 14 5.54 -31.10 12.48
N ALA A 15 4.88 -30.74 11.37
CA ALA A 15 4.71 -29.33 11.05
C ALA A 15 3.65 -28.69 11.93
N ARG A 16 2.54 -29.40 12.18
CA ARG A 16 1.47 -28.84 13.01
C ARG A 16 1.92 -28.70 14.46
N ARG A 17 2.71 -29.65 14.95
CA ARG A 17 3.22 -29.56 16.32
C ARG A 17 4.22 -28.42 16.46
N ALA A 18 5.08 -28.22 15.45
CA ALA A 18 5.99 -27.08 15.47
C ALA A 18 5.23 -25.78 15.33
N ILE A 19 4.14 -25.78 14.57
CA ILE A 19 3.32 -24.57 14.44
C ILE A 19 2.65 -24.22 15.76
N GLU A 20 2.22 -25.24 16.51
CA GLU A 20 1.64 -25.01 17.83
C GLU A 20 2.69 -24.69 18.89
N ALA A 21 3.96 -24.99 18.62
CA ALA A 21 5.04 -24.55 19.49
C ALA A 21 5.42 -23.11 19.25
N ALA A 22 5.20 -22.61 18.03
CA ALA A 22 5.49 -21.22 17.72
C ALA A 22 4.39 -20.30 18.23
N LEU A 23 3.13 -20.68 18.02
CA LEU A 23 2.02 -19.91 18.59
C LEU A 23 2.13 -19.85 20.10
N GLU A 24 2.48 -20.98 20.73
CA GLU A 24 2.67 -20.99 22.17
C GLU A 24 3.85 -20.11 22.58
N GLU A 25 4.94 -20.14 21.82
CA GLU A 25 6.09 -19.31 22.14
C GLU A 25 5.77 -17.82 22.00
N ALA A 26 4.76 -17.47 21.20
CA ALA A 26 4.40 -16.07 21.03
C ALA A 26 3.48 -15.60 22.16
N ARG A 27 2.50 -16.42 22.53
CA ARG A 27 1.62 -16.06 23.63
C ARG A 27 2.42 -15.87 24.92
N ALA A 28 3.42 -16.72 25.15
CA ALA A 28 4.33 -16.50 26.27
C ALA A 28 5.09 -15.20 26.10
N ALA A 29 5.51 -14.87 24.87
CA ALA A 29 6.16 -13.58 24.64
C ALA A 29 5.18 -12.43 24.87
N ALA A 30 3.93 -12.59 24.45
CA ALA A 30 2.92 -11.61 24.79
C ALA A 30 2.74 -11.51 26.30
N ASP A 31 2.83 -12.64 27.00
CA ASP A 31 2.79 -12.61 28.46
C ASP A 31 4.07 -12.02 29.03
N GLU A 32 5.22 -12.29 28.40
CA GLU A 32 6.49 -11.77 28.91
C GLU A 32 6.51 -10.25 28.88
N ALA A 33 5.88 -9.65 27.87
CA ALA A 33 5.77 -8.20 27.82
C ALA A 33 4.65 -7.67 28.69
N ARG A 34 3.68 -8.53 29.05
CA ARG A 34 2.49 -8.07 29.75
C ARG A 34 2.67 -7.99 31.25
N SER A 35 3.49 -8.87 31.84
CA SER A 35 3.78 -8.78 33.26
C SER A 35 4.46 -7.47 33.62
N ASP A 36 5.13 -6.82 32.68
CA ASP A 36 5.79 -5.54 32.93
C ASP A 36 5.02 -4.39 32.28
N SER A 37 3.75 -4.26 32.67
CA SER A 37 2.88 -3.22 32.17
C SER A 37 1.61 -3.21 33.01
N THR A 38 1.10 -2.01 33.28
CA THR A 38 -0.10 -1.84 34.09
C THR A 38 -1.07 -0.81 33.56
N GLY A 39 -0.68 0.02 32.59
CA GLY A 39 -1.62 0.97 32.01
C GLY A 39 -2.67 0.25 31.17
N GLU A 40 -3.90 0.77 31.22
CA GLU A 40 -5.00 0.11 30.51
C GLU A 40 -4.75 0.06 29.01
N THR A 41 -4.25 1.15 28.42
CA THR A 41 -4.00 1.15 26.99
C THR A 41 -2.89 0.18 26.62
N VAL A 42 -2.00 -0.14 27.57
CA VAL A 42 -0.93 -1.09 27.30
C VAL A 42 -1.50 -2.49 27.15
N LYS A 43 -2.29 -2.94 28.13
CA LYS A 43 -2.93 -4.25 28.05
C LYS A 43 -3.93 -4.34 26.91
N LYS A 44 -4.49 -3.21 26.45
CA LYS A 44 -5.43 -3.25 25.34
C LYS A 44 -4.73 -3.63 24.05
N ALA A 45 -3.73 -2.85 23.64
CA ALA A 45 -3.06 -3.10 22.38
C ALA A 45 -2.28 -4.41 22.39
N VAL A 46 -1.77 -4.82 23.56
CA VAL A 46 -1.12 -6.12 23.66
C VAL A 46 -2.13 -7.23 23.36
N ASP A 47 -3.32 -7.13 23.96
CA ASP A 47 -4.38 -8.08 23.64
C ASP A 47 -4.77 -7.99 22.16
N LYS A 48 -4.63 -6.80 21.57
CA LYS A 48 -4.84 -6.66 20.13
C LYS A 48 -3.71 -7.32 19.35
N ALA A 49 -2.46 -7.06 19.74
CA ALA A 49 -1.33 -7.67 19.05
C ALA A 49 -1.30 -9.18 19.26
N GLU A 50 -1.69 -9.63 20.45
CA GLU A 50 -1.70 -11.07 20.73
C GLU A 50 -2.79 -11.78 19.93
N LYS A 51 -3.89 -11.09 19.64
CA LYS A 51 -4.94 -11.70 18.82
C LYS A 51 -4.59 -11.69 17.33
N ALA A 52 -3.67 -10.82 16.92
CA ALA A 52 -3.26 -10.77 15.51
C ALA A 52 -2.31 -11.91 15.17
N ALA A 53 -1.37 -12.21 16.06
CA ALA A 53 -0.48 -13.34 15.84
C ALA A 53 -1.20 -14.69 15.99
N GLU A 54 -2.36 -14.70 16.65
CA GLU A 54 -3.09 -15.95 16.80
C GLU A 54 -3.92 -16.28 15.57
N ASP A 55 -4.61 -15.28 15.01
CA ASP A 55 -5.29 -15.49 13.74
C ASP A 55 -4.31 -15.80 12.61
N ALA A 56 -3.05 -15.39 12.76
CA ALA A 56 -2.02 -15.78 11.80
C ALA A 56 -1.48 -17.17 12.11
N PHE A 57 -1.42 -17.55 13.39
CA PHE A 57 -0.98 -18.89 13.75
C PHE A 57 -2.02 -19.93 13.34
N ARG A 58 -3.30 -19.63 13.55
CA ARG A 58 -4.35 -20.52 13.08
C ARG A 58 -4.37 -20.61 11.56
N GLU A 59 -4.01 -19.52 10.87
CA GLU A 59 -3.95 -19.54 9.42
C GLU A 59 -2.74 -20.31 8.90
N ILE A 60 -1.73 -20.55 9.75
CA ILE A 60 -0.55 -21.30 9.33
C ILE A 60 -0.83 -22.80 9.40
N LYS A 61 -1.55 -23.25 10.44
CA LYS A 61 -1.90 -24.65 10.53
C LYS A 61 -2.89 -25.05 9.43
N GLN A 62 -3.71 -24.10 8.98
CA GLN A 62 -4.64 -24.38 7.89
C GLN A 62 -3.89 -24.60 6.59
N ALA A 63 -2.94 -23.72 6.27
CA ALA A 63 -2.13 -23.92 5.07
C ALA A 63 -1.29 -25.18 5.18
N VAL A 64 -0.96 -25.60 6.40
CA VAL A 64 -0.28 -26.88 6.59
C VAL A 64 -1.24 -28.03 6.30
N ASN A 65 -2.53 -27.81 6.48
CA ASN A 65 -3.53 -28.82 6.13
C ASN A 65 -3.99 -28.74 4.69
N GLN A 66 -3.93 -27.55 4.08
CA GLN A 66 -4.32 -27.43 2.68
C GLN A 66 -3.30 -28.09 1.76
N ALA A 67 -2.04 -28.13 2.16
CA ALA A 67 -1.01 -28.84 1.43
C ALA A 67 -0.91 -30.30 1.84
N GLU A 68 -1.74 -30.76 2.79
CA GLU A 68 -1.86 -32.16 3.17
C GLU A 68 -2.89 -32.88 2.32
N LYS A 69 -4.06 -32.25 2.10
CA LYS A 69 -4.97 -32.75 1.08
C LYS A 69 -4.31 -32.76 -0.29
N GLN A 70 -3.43 -31.79 -0.54
CA GLN A 70 -2.61 -31.75 -1.74
C GLN A 70 -1.20 -32.28 -1.48
N GLY A 71 -1.04 -33.11 -0.44
CA GLY A 71 0.16 -33.83 -0.08
C GLY A 71 1.48 -33.33 -0.64
N ALA A 72 1.91 -32.16 -0.17
CA ALA A 72 3.13 -31.58 -0.69
C ALA A 72 4.34 -32.38 -0.22
N SER A 73 5.50 -32.01 -0.76
CA SER A 73 6.75 -32.58 -0.31
C SER A 73 7.04 -32.15 1.13
N GLU A 74 7.86 -32.95 1.81
CA GLU A 74 8.28 -32.63 3.17
C GLU A 74 9.05 -31.33 3.25
N ALA A 75 9.54 -30.81 2.12
CA ALA A 75 10.21 -29.51 2.14
C ALA A 75 9.23 -28.38 2.39
N ALA A 76 7.95 -28.58 2.04
CA ALA A 76 6.94 -27.57 2.32
C ALA A 76 6.64 -27.47 3.81
N PHE A 77 6.70 -28.60 4.53
CA PHE A 77 6.47 -28.57 5.97
C PHE A 77 7.66 -28.02 6.73
N GLU A 78 8.87 -28.16 6.17
CA GLU A 78 10.04 -27.60 6.83
C GLU A 78 10.10 -26.08 6.66
N ALA A 79 9.50 -25.56 5.60
CA ALA A 79 9.38 -24.11 5.44
C ALA A 79 8.23 -23.55 6.28
N PHE A 80 7.17 -24.33 6.47
CA PHE A 80 6.08 -23.91 7.34
C PHE A 80 6.53 -23.84 8.80
N ALA A 81 7.40 -24.75 9.21
CA ALA A 81 7.97 -24.68 10.56
C ALA A 81 9.02 -23.58 10.66
N ALA A 82 9.73 -23.30 9.57
CA ALA A 82 10.64 -22.17 9.56
C ALA A 82 9.90 -20.85 9.53
N ILE A 83 8.68 -20.84 8.99
CA ILE A 83 7.88 -19.61 8.95
C ILE A 83 7.16 -19.39 10.27
N ALA A 84 6.69 -20.46 10.91
CA ALA A 84 6.09 -20.33 12.22
C ALA A 84 7.11 -19.88 13.26
N ALA A 85 8.32 -20.44 13.20
CA ALA A 85 9.38 -20.03 14.13
C ALA A 85 9.70 -18.55 13.98
N ALA A 86 9.82 -18.08 12.74
CA ALA A 86 10.05 -16.66 12.52
C ALA A 86 8.85 -15.83 12.94
N ALA A 87 7.66 -16.42 12.93
CA ALA A 87 6.47 -15.73 13.42
C ALA A 87 6.55 -15.51 14.93
N ALA A 88 7.01 -16.52 15.67
CA ALA A 88 7.11 -16.37 17.12
C ALA A 88 8.19 -15.36 17.49
N GLU A 89 9.28 -15.31 16.72
CA GLU A 89 10.37 -14.40 17.02
C GLU A 89 9.99 -12.95 16.71
N ALA A 90 9.11 -12.73 15.73
CA ALA A 90 8.72 -11.38 15.37
C ALA A 90 7.69 -10.80 16.34
N ALA A 91 6.84 -11.64 16.94
CA ALA A 91 5.98 -11.16 18.00
C ALA A 91 6.78 -10.83 19.25
N ALA A 92 7.75 -11.68 19.59
CA ALA A 92 8.65 -11.39 20.70
C ALA A 92 9.54 -10.19 20.42
N ALA A 93 9.71 -9.82 19.15
CA ALA A 93 10.44 -8.60 18.81
C ALA A 93 9.56 -7.36 18.90
N ALA A 94 8.32 -7.44 18.42
CA ALA A 94 7.38 -6.35 18.62
C ALA A 94 7.05 -6.16 20.10
N PHE A 95 7.37 -7.14 20.94
CA PHE A 95 7.15 -7.07 22.37
C PHE A 95 8.40 -6.65 23.13
N GLU A 96 9.58 -7.08 22.68
CA GLU A 96 10.82 -6.65 23.32
C GLU A 96 11.02 -5.15 23.15
N ALA A 97 10.65 -4.61 21.98
CA ALA A 97 10.67 -3.17 21.80
C ALA A 97 9.57 -2.50 22.62
N PHE A 98 8.46 -3.19 22.84
CA PHE A 98 7.42 -2.63 23.69
C PHE A 98 7.88 -2.52 25.12
N SER A 99 8.76 -3.43 25.55
CA SER A 99 9.18 -3.48 26.94
C SER A 99 9.78 -2.16 27.43
N ASP A 100 10.35 -1.37 26.52
CA ASP A 100 10.90 -0.06 26.86
C ASP A 100 9.88 1.06 26.76
N SER A 101 8.59 0.73 26.69
CA SER A 101 7.57 1.76 26.52
C SER A 101 6.24 1.27 27.09
N THR A 102 5.37 2.24 27.39
CA THR A 102 4.02 1.90 27.85
C THR A 102 2.99 3.00 27.55
N GLY A 103 3.28 3.94 26.65
CA GLY A 103 2.30 4.96 26.32
C GLY A 103 1.22 4.41 25.41
N GLU A 104 0.16 5.21 25.27
CA GLU A 104 -0.99 4.78 24.47
C GLU A 104 -0.60 4.63 23.01
N THR A 105 -0.11 5.71 22.39
CA THR A 105 0.21 5.68 20.97
C THR A 105 1.38 4.74 20.67
N VAL A 106 2.30 4.60 21.61
CA VAL A 106 3.43 3.68 21.40
C VAL A 106 2.94 2.24 21.36
N ALA A 107 2.05 1.87 22.27
CA ALA A 107 1.51 0.51 22.27
C ALA A 107 0.56 0.31 21.10
N GLU A 108 -0.20 1.35 20.72
CA GLU A 108 -1.11 1.23 19.59
C GLU A 108 -0.34 0.94 18.30
N ALA A 109 0.69 1.72 18.01
CA ALA A 109 1.50 1.46 16.83
C ALA A 109 2.26 0.16 16.95
N VAL A 110 2.56 -0.28 18.18
CA VAL A 110 3.19 -1.57 18.39
C VAL A 110 2.24 -2.69 18.01
N ALA A 111 0.98 -2.60 18.44
CA ALA A 111 -0.01 -3.59 18.05
C ALA A 111 -0.25 -3.55 16.54
N LYS A 112 -0.29 -2.35 15.95
CA LYS A 112 -0.51 -2.26 14.52
C LYS A 112 0.62 -2.90 13.73
N ALA A 113 1.87 -2.70 14.18
CA ALA A 113 3.00 -3.24 13.44
C ALA A 113 3.08 -4.75 13.55
N LEU A 114 2.81 -5.30 14.75
CA LEU A 114 2.78 -6.75 14.92
C LEU A 114 1.64 -7.38 14.13
N LYS A 115 0.52 -6.66 13.97
CA LYS A 115 -0.55 -7.13 13.10
C LYS A 115 -0.17 -7.03 11.63
N ALA A 116 0.79 -6.17 11.29
CA ALA A 116 1.21 -6.04 9.90
C ALA A 116 2.14 -7.16 9.48
N ALA A 117 3.08 -7.54 10.35
CA ALA A 117 3.97 -8.66 10.04
C ALA A 117 3.25 -10.00 10.15
N MET A 118 2.14 -10.06 10.90
CA MET A 118 1.39 -11.30 11.04
C MET A 118 0.54 -11.57 9.80
N GLU A 119 -0.22 -10.57 9.34
CA GLU A 119 -0.98 -10.73 8.11
C GLU A 119 -0.05 -11.01 6.93
N ALA A 120 1.15 -10.43 6.95
CA ALA A 120 2.14 -10.76 5.93
C ALA A 120 2.63 -12.19 6.08
N PHE A 121 2.75 -12.67 7.32
CA PHE A 121 3.19 -14.05 7.55
C PHE A 121 2.14 -15.04 7.08
N ALA A 122 0.86 -14.78 7.37
CA ALA A 122 -0.20 -15.68 6.91
C ALA A 122 -0.25 -15.72 5.39
N GLU A 123 -0.01 -14.59 4.74
CA GLU A 123 -0.01 -14.55 3.28
C GLU A 123 1.14 -15.35 2.68
N ILE A 124 2.26 -15.45 3.40
CA ILE A 124 3.40 -16.21 2.91
C ILE A 124 3.12 -17.71 2.97
N ALA A 125 2.49 -18.17 4.06
CA ALA A 125 2.15 -19.58 4.18
C ALA A 125 1.15 -20.00 3.13
N LYS A 126 0.15 -19.14 2.85
CA LYS A 126 -0.82 -19.47 1.82
C LYS A 126 -0.17 -19.53 0.44
N ALA A 127 0.81 -18.65 0.19
CA ALA A 127 1.56 -18.71 -1.06
C ALA A 127 2.43 -19.97 -1.11
N VAL A 128 2.97 -20.38 0.04
CA VAL A 128 3.69 -21.64 0.10
C VAL A 128 2.75 -22.80 -0.17
N ALA A 129 1.49 -22.66 0.26
CA ALA A 129 0.49 -23.70 0.01
C ALA A 129 0.08 -23.74 -1.45
N GLN A 130 0.01 -22.58 -2.10
CA GLN A 130 -0.37 -22.56 -3.52
C GLN A 130 0.67 -23.27 -4.37
N ALA A 131 1.97 -23.02 -4.11
CA ALA A 131 3.02 -23.72 -4.80
C ALA A 131 3.01 -25.21 -4.50
N ALA A 132 2.48 -25.59 -3.33
CA ALA A 132 2.39 -27.00 -2.99
C ALA A 132 1.44 -27.74 -3.91
N LYS A 133 0.23 -27.21 -4.08
CA LYS A 133 -0.68 -27.76 -5.08
C LYS A 133 -0.10 -27.67 -6.49
N GLN A 134 0.72 -26.64 -6.73
CA GLN A 134 1.44 -26.51 -8.00
C GLN A 134 2.78 -27.24 -7.99
N GLY A 135 3.00 -28.13 -7.02
CA GLY A 135 4.16 -28.99 -6.93
C GLY A 135 5.48 -28.40 -7.37
N ALA A 136 5.94 -27.35 -6.68
CA ALA A 136 7.15 -26.63 -7.07
C ALA A 136 8.39 -27.43 -6.68
N SER A 137 9.55 -26.80 -6.85
CA SER A 137 10.82 -27.41 -6.45
C SER A 137 11.15 -27.07 -4.99
N GLU A 138 12.09 -27.82 -4.43
CA GLU A 138 12.53 -27.57 -3.07
C GLU A 138 13.40 -26.31 -2.97
N ALA A 139 13.83 -25.76 -4.10
CA ALA A 139 14.48 -24.45 -4.09
C ALA A 139 13.49 -23.33 -3.81
N ALA A 140 12.24 -23.50 -4.24
CA ALA A 140 11.20 -22.55 -3.85
C ALA A 140 10.97 -22.60 -2.34
N PHE A 141 11.05 -23.80 -1.75
CA PHE A 141 10.87 -23.92 -0.31
C PHE A 141 12.00 -23.25 0.45
N GLU A 142 13.24 -23.41 -0.03
CA GLU A 142 14.37 -22.73 0.61
C GLU A 142 14.27 -21.23 0.45
N ALA A 143 13.75 -20.76 -0.70
CA ALA A 143 13.50 -19.34 -0.86
C ALA A 143 12.36 -18.87 0.05
N PHE A 144 11.39 -19.75 0.30
CA PHE A 144 10.31 -19.39 1.22
C PHE A 144 10.82 -19.22 2.64
N ALA A 145 11.70 -20.12 3.10
CA ALA A 145 12.29 -19.97 4.42
C ALA A 145 13.19 -18.75 4.49
N ALA A 146 13.85 -18.41 3.38
CA ALA A 146 14.70 -17.22 3.35
C ALA A 146 13.86 -15.95 3.32
N ILE A 147 12.75 -15.97 2.59
CA ILE A 147 11.87 -14.80 2.55
C ILE A 147 11.22 -14.57 3.91
N ALA A 148 10.83 -15.66 4.58
CA ALA A 148 10.28 -15.54 5.93
C ALA A 148 11.33 -15.05 6.91
N ALA A 149 12.56 -15.55 6.80
CA ALA A 149 13.63 -15.10 7.68
C ALA A 149 13.95 -13.62 7.44
N ALA A 150 13.96 -13.21 6.17
CA ALA A 150 14.18 -11.80 5.88
C ALA A 150 13.05 -10.94 6.45
N ALA A 151 11.82 -11.45 6.41
CA ALA A 151 10.69 -10.72 6.97
C ALA A 151 10.88 -10.49 8.47
N ALA A 152 11.35 -11.51 9.19
CA ALA A 152 11.56 -11.37 10.61
C ALA A 152 12.68 -10.38 10.92
N GLU A 153 13.75 -10.40 10.12
CA GLU A 153 14.89 -9.52 10.37
C GLU A 153 14.51 -8.05 10.17
N ALA A 154 13.54 -7.76 9.30
CA ALA A 154 13.11 -6.39 9.06
C ALA A 154 12.11 -5.90 10.10
N ALA A 155 11.21 -6.78 10.55
CA ALA A 155 10.28 -6.40 11.61
C ALA A 155 11.01 -6.18 12.92
N ALA A 156 12.00 -7.03 13.21
CA ALA A 156 12.81 -6.86 14.41
C ALA A 156 13.63 -5.58 14.35
N ALA A 157 14.14 -5.23 13.16
CA ALA A 157 14.90 -3.99 13.02
C ALA A 157 13.98 -2.78 13.17
N ALA A 158 12.76 -2.86 12.65
CA ALA A 158 11.80 -1.78 12.84
C ALA A 158 11.45 -1.59 14.31
N PHE A 159 11.45 -2.68 15.08
CA PHE A 159 11.19 -2.59 16.51
C PHE A 159 12.39 -2.02 17.26
N GLU A 160 13.60 -2.42 16.89
CA GLU A 160 14.79 -1.88 17.55
C GLU A 160 14.90 -0.37 17.33
N ALA A 161 14.63 0.09 16.11
CA ALA A 161 14.56 1.52 15.84
C ALA A 161 13.45 2.17 16.66
N PHE A 162 12.35 1.45 16.90
CA PHE A 162 11.30 1.97 17.75
C PHE A 162 11.74 2.02 19.21
N SER A 163 12.68 1.16 19.61
CA SER A 163 13.15 1.19 20.99
C SER A 163 13.84 2.50 21.32
N ASP A 164 14.35 3.19 20.30
CA ASP A 164 15.00 4.49 20.49
C ASP A 164 14.02 5.65 20.52
N SER A 165 12.77 5.46 20.12
CA SER A 165 11.82 6.56 19.98
C SER A 165 10.48 6.22 20.60
N THR A 166 9.85 7.20 21.26
CA THR A 166 8.51 7.04 21.80
C THR A 166 7.54 8.10 21.28
N GLY A 167 7.93 8.90 20.29
CA GLY A 167 7.04 9.93 19.79
C GLY A 167 5.84 9.33 19.07
N GLU A 168 4.69 9.98 19.22
CA GLU A 168 3.47 9.48 18.60
C GLU A 168 3.61 9.41 17.09
N THR A 169 4.06 10.52 16.48
CA THR A 169 4.27 10.52 15.03
C THR A 169 5.41 9.59 14.64
N VAL A 170 6.42 9.45 15.49
CA VAL A 170 7.56 8.59 15.18
C VAL A 170 7.12 7.13 15.13
N ALA A 171 6.30 6.71 16.11
CA ALA A 171 5.82 5.34 16.13
C ALA A 171 4.78 5.09 15.05
N GLU A 172 4.00 6.13 14.69
CA GLU A 172 3.00 5.97 13.64
C GLU A 172 3.66 5.68 12.29
N ALA A 173 4.67 6.48 11.92
CA ALA A 173 5.39 6.23 10.68
C ALA A 173 6.16 4.91 10.75
N VAL A 174 6.59 4.50 11.93
CA VAL A 174 7.27 3.22 12.08
C VAL A 174 6.32 2.08 11.74
N ALA A 175 5.12 2.11 12.30
CA ALA A 175 4.13 1.09 11.95
C ALA A 175 3.76 1.18 10.48
N LYS A 176 3.65 2.41 9.94
CA LYS A 176 3.34 2.56 8.52
C LYS A 176 4.45 1.99 7.65
N ALA A 177 5.71 2.09 8.11
CA ALA A 177 6.82 1.58 7.32
C ALA A 177 6.94 0.07 7.41
N LEU A 178 6.80 -0.49 8.62
CA LEU A 178 6.86 -1.94 8.78
C LEU A 178 5.78 -2.63 7.96
N LYS A 179 4.60 -2.00 7.83
CA LYS A 179 3.56 -2.55 6.99
C LYS A 179 3.91 -2.43 5.51
N ALA A 180 4.72 -1.43 5.15
CA ALA A 180 5.09 -1.25 3.75
C ALA A 180 5.96 -2.40 3.25
N ALA A 181 7.04 -2.71 3.99
CA ALA A 181 7.88 -3.84 3.63
C ALA A 181 7.13 -5.16 3.76
N MET A 182 6.18 -5.23 4.69
CA MET A 182 5.35 -6.42 4.83
C MET A 182 4.50 -6.65 3.58
N GLU A 183 3.73 -5.62 3.19
CA GLU A 183 2.98 -5.70 1.95
C GLU A 183 3.89 -5.94 0.76
N ALA A 184 5.11 -5.43 0.81
CA ALA A 184 6.08 -5.73 -0.24
C ALA A 184 6.55 -7.17 -0.16
N PHE A 185 6.75 -7.68 1.05
CA PHE A 185 7.20 -9.06 1.20
C PHE A 185 6.11 -10.03 0.79
N ALA A 186 4.86 -9.74 1.14
CA ALA A 186 3.76 -10.62 0.73
C ALA A 186 3.68 -10.71 -0.79
N GLU A 187 3.84 -9.56 -1.47
CA GLU A 187 3.82 -9.58 -2.92
C GLU A 187 4.98 -10.38 -3.50
N ILE A 188 6.10 -10.43 -2.78
CA ILE A 188 7.24 -11.22 -3.25
C ILE A 188 6.94 -12.71 -3.16
N ALA A 189 6.28 -13.14 -2.08
CA ALA A 189 5.96 -14.56 -1.93
C ALA A 189 4.91 -14.99 -2.95
N LYS A 190 4.00 -14.09 -3.32
CA LYS A 190 3.01 -14.43 -4.34
C LYS A 190 3.68 -14.65 -5.69
N ALA A 191 4.61 -13.77 -6.06
CA ALA A 191 5.34 -13.95 -7.31
C ALA A 191 6.16 -15.24 -7.28
N VAL A 192 6.72 -15.58 -6.11
CA VAL A 192 7.44 -16.83 -5.98
C VAL A 192 6.51 -18.02 -6.20
N ALA A 193 5.23 -17.85 -5.85
CA ALA A 193 4.25 -18.92 -6.08
C ALA A 193 3.84 -18.99 -7.55
N GLN A 194 3.74 -17.84 -8.22
CA GLN A 194 3.36 -17.85 -9.63
C GLN A 194 4.43 -18.53 -10.48
N ALA A 195 5.70 -18.20 -10.23
CA ALA A 195 6.78 -18.90 -10.91
C ALA A 195 6.81 -20.37 -10.53
N ALA A 196 6.34 -20.70 -9.32
CA ALA A 196 6.26 -22.10 -8.92
C ALA A 196 5.23 -22.85 -9.76
N LYS A 197 4.06 -22.24 -10.00
CA LYS A 197 3.12 -22.82 -10.94
C LYS A 197 3.73 -22.90 -12.33
N GLN A 198 4.52 -21.89 -12.70
CA GLN A 198 5.24 -21.86 -13.96
C GLN A 198 6.55 -22.64 -13.90
N GLY A 199 6.83 -23.32 -12.78
CA GLY A 199 7.96 -24.21 -12.63
C GLY A 199 9.27 -23.72 -13.22
N ALA A 200 9.82 -22.65 -12.66
CA ALA A 200 11.02 -22.02 -13.20
C ALA A 200 12.26 -22.70 -12.62
N SER A 201 13.42 -22.07 -12.81
CA SER A 201 14.69 -22.63 -12.39
C SER A 201 14.93 -22.35 -10.91
N GLU A 202 16.04 -22.88 -10.40
CA GLU A 202 16.51 -22.61 -9.05
C GLU A 202 17.36 -21.36 -8.96
N ALA A 203 17.86 -20.85 -10.09
CA ALA A 203 18.50 -19.54 -10.09
C ALA A 203 17.50 -18.45 -9.76
N ALA A 204 16.23 -18.65 -10.11
CA ALA A 204 15.20 -17.69 -9.75
C ALA A 204 14.95 -17.67 -8.25
N PHE A 205 14.93 -18.85 -7.62
CA PHE A 205 14.71 -18.92 -6.18
C PHE A 205 15.90 -18.39 -5.40
N GLU A 206 17.12 -18.56 -5.94
CA GLU A 206 18.31 -18.00 -5.30
C GLU A 206 18.29 -16.48 -5.39
N ALA A 207 17.92 -15.93 -6.55
CA ALA A 207 17.73 -14.50 -6.67
C ALA A 207 16.56 -14.04 -5.81
N PHE A 208 15.54 -14.89 -5.63
CA PHE A 208 14.42 -14.53 -4.75
C PHE A 208 14.88 -14.41 -3.31
N ALA A 209 15.75 -15.33 -2.86
CA ALA A 209 16.31 -15.23 -1.52
C ALA A 209 17.19 -13.99 -1.36
N ALA A 210 17.96 -13.68 -2.41
CA ALA A 210 18.77 -12.46 -2.37
C ALA A 210 17.90 -11.21 -2.43
N ILE A 211 16.79 -11.27 -3.17
CA ILE A 211 15.87 -10.13 -3.22
C ILE A 211 15.20 -9.93 -1.88
N ALA A 212 14.81 -11.02 -1.21
CA ALA A 212 14.26 -10.91 0.13
C ALA A 212 15.29 -10.33 1.09
N ALA A 213 16.55 -10.73 0.96
CA ALA A 213 17.60 -10.18 1.81
C ALA A 213 17.87 -8.72 1.47
N ALA A 214 17.95 -8.39 0.18
CA ALA A 214 18.21 -7.01 -0.22
C ALA A 214 17.13 -6.07 0.30
N ALA A 215 15.88 -6.55 0.37
CA ALA A 215 14.83 -5.77 0.99
C ALA A 215 15.13 -5.51 2.46
N ALA A 216 15.52 -6.55 3.20
CA ALA A 216 15.77 -6.40 4.61
C ALA A 216 16.93 -5.43 4.88
N GLU A 217 17.92 -5.44 4.00
CA GLU A 217 19.07 -4.54 4.18
C GLU A 217 18.66 -3.08 4.09
N ALA A 218 17.82 -2.73 3.11
CA ALA A 218 17.40 -1.34 2.97
C ALA A 218 16.40 -0.94 4.05
N ALA A 219 15.55 -1.87 4.49
CA ALA A 219 14.61 -1.56 5.55
C ALA A 219 15.34 -1.29 6.87
N ALA A 220 16.28 -2.17 7.23
CA ALA A 220 17.08 -1.95 8.43
C ALA A 220 17.90 -0.68 8.34
N ALA A 221 18.30 -0.29 7.12
CA ALA A 221 19.08 0.92 6.96
C ALA A 221 18.25 2.17 7.22
N ALA A 222 17.03 2.22 6.64
CA ALA A 222 16.15 3.35 6.89
C ALA A 222 15.82 3.47 8.38
N PHE A 223 15.60 2.34 9.04
CA PHE A 223 15.41 2.35 10.48
C PHE A 223 16.68 2.78 11.20
N GLU A 224 17.85 2.37 10.68
CA GLU A 224 19.11 2.82 11.27
C GLU A 224 19.27 4.32 11.13
N ALA A 225 18.78 4.88 10.01
CA ALA A 225 18.77 6.33 9.86
C ALA A 225 17.76 6.97 10.80
N PHE A 226 16.63 6.31 11.02
CA PHE A 226 15.64 6.81 11.98
C PHE A 226 16.21 6.84 13.39
N SER A 227 17.20 5.99 13.68
CA SER A 227 17.84 5.98 14.99
C SER A 227 18.58 7.28 15.26
N ASP A 228 18.52 8.22 14.32
CA ASP A 228 19.13 9.53 14.46
C ASP A 228 18.11 10.65 14.49
N SER A 229 16.81 10.36 14.34
CA SER A 229 15.82 11.40 14.20
C SER A 229 14.49 10.96 14.78
N THR A 230 13.89 11.84 15.59
CA THR A 230 12.55 11.65 16.12
C THR A 230 11.65 12.82 15.76
N GLY A 231 12.09 13.66 14.82
CA GLY A 231 11.26 14.75 14.32
C GLY A 231 10.21 14.22 13.37
N GLU A 232 8.96 14.63 13.58
CA GLU A 232 7.84 14.06 12.81
C GLU A 232 8.05 14.22 11.31
N THR A 233 8.68 15.32 10.89
CA THR A 233 8.95 15.51 9.47
C THR A 233 9.98 14.50 8.97
N VAL A 234 10.92 14.10 9.82
CA VAL A 234 11.95 13.16 9.40
C VAL A 234 11.42 11.72 9.42
N ALA A 235 10.54 11.42 10.37
CA ALA A 235 10.00 10.06 10.48
C ALA A 235 9.12 9.72 9.27
N GLU A 236 8.24 10.64 8.89
CA GLU A 236 7.37 10.42 7.73
C GLU A 236 8.19 10.30 6.45
N ALA A 237 9.17 11.18 6.27
CA ALA A 237 10.05 11.08 5.12
C ALA A 237 10.75 9.72 5.08
N VAL A 238 11.16 9.23 6.24
CA VAL A 238 11.75 7.90 6.32
C VAL A 238 10.73 6.83 5.97
N ALA A 239 9.48 7.03 6.41
CA ALA A 239 8.44 6.05 6.11
C ALA A 239 8.06 6.08 4.64
N LYS A 240 7.84 7.27 4.10
CA LYS A 240 7.48 7.38 2.68
C LYS A 240 8.61 6.88 1.79
N ALA A 241 9.86 7.11 2.19
CA ALA A 241 10.98 6.60 1.41
C ALA A 241 11.01 5.09 1.43
N LEU A 242 10.95 4.49 2.63
CA LEU A 242 10.96 3.03 2.71
C LEU A 242 9.83 2.42 1.91
N LYS A 243 8.69 3.12 1.85
CA LYS A 243 7.57 2.64 1.04
C LYS A 243 7.93 2.63 -0.44
N ALA A 244 8.67 3.63 -0.91
CA ALA A 244 9.06 3.68 -2.31
C ALA A 244 9.93 2.50 -2.69
N ALA A 245 10.99 2.24 -1.90
CA ALA A 245 11.86 1.11 -2.18
C ALA A 245 11.12 -0.21 -2.05
N MET A 246 10.14 -0.29 -1.16
CA MET A 246 9.34 -1.51 -1.03
C MET A 246 8.47 -1.72 -2.27
N GLU A 247 7.78 -0.67 -2.72
CA GLU A 247 7.01 -0.78 -3.94
C GLU A 247 7.92 -1.12 -5.12
N ALA A 248 9.14 -0.59 -5.11
CA ALA A 248 10.12 -0.95 -6.14
C ALA A 248 10.47 -2.43 -6.07
N PHE A 249 10.86 -2.90 -4.88
CA PHE A 249 11.26 -4.29 -4.73
C PHE A 249 10.12 -5.23 -5.10
N ALA A 250 8.88 -4.86 -4.78
CA ALA A 250 7.75 -5.69 -5.16
C ALA A 250 7.67 -5.85 -6.68
N GLU A 251 7.80 -4.74 -7.40
CA GLU A 251 7.78 -4.81 -8.85
C GLU A 251 8.95 -5.63 -9.39
N ILE A 252 10.10 -5.58 -8.69
CA ILE A 252 11.25 -6.37 -9.11
C ILE A 252 10.99 -7.85 -8.91
N ALA A 253 10.23 -8.22 -7.89
CA ALA A 253 9.88 -9.62 -7.69
C ALA A 253 8.87 -10.10 -8.71
N LYS A 254 7.90 -9.25 -9.06
CA LYS A 254 6.93 -9.61 -10.09
C LYS A 254 7.63 -9.81 -11.43
N ALA A 255 8.55 -8.92 -11.78
CA ALA A 255 9.29 -9.06 -13.03
C ALA A 255 10.15 -10.32 -13.01
N VAL A 256 10.71 -10.68 -11.84
CA VAL A 256 11.48 -11.90 -11.71
C VAL A 256 10.62 -13.13 -11.96
N ALA A 257 9.30 -13.00 -11.80
CA ALA A 257 8.37 -14.10 -12.04
C ALA A 257 7.89 -14.17 -13.49
N GLN A 258 7.77 -13.02 -14.16
CA GLN A 258 7.29 -13.02 -15.55
C GLN A 258 8.30 -13.65 -16.47
N ALA A 259 9.59 -13.33 -16.30
CA ALA A 259 10.64 -14.02 -17.03
C ALA A 259 10.75 -15.48 -16.60
N ALA A 260 10.37 -15.79 -15.36
CA ALA A 260 10.29 -17.17 -14.93
C ALA A 260 9.20 -17.91 -15.69
N LYS A 261 8.08 -17.25 -15.96
CA LYS A 261 7.07 -17.84 -16.84
C LYS A 261 7.65 -18.05 -18.24
N GLN A 262 8.43 -17.08 -18.72
CA GLN A 262 9.14 -17.22 -19.98
C GLN A 262 10.30 -18.21 -19.91
N GLY A 263 10.67 -18.66 -18.70
CA GLY A 263 11.75 -19.61 -18.53
C GLY A 263 13.07 -19.16 -19.13
N ALA A 264 13.70 -18.17 -18.49
CA ALA A 264 14.90 -17.57 -19.04
C ALA A 264 16.14 -18.32 -18.56
N SER A 265 17.30 -17.69 -18.73
CA SER A 265 18.58 -18.28 -18.38
C SER A 265 18.97 -17.90 -16.95
N GLU A 266 20.14 -18.37 -16.53
CA GLU A 266 20.59 -18.13 -15.16
C GLU A 266 21.15 -16.72 -14.99
N ALA A 267 21.76 -16.15 -16.03
CA ALA A 267 22.35 -14.82 -15.91
C ALA A 267 21.32 -13.74 -15.63
N ALA A 268 20.06 -13.98 -15.98
CA ALA A 268 19.00 -13.01 -15.70
C ALA A 268 18.80 -12.85 -14.20
N PHE A 269 18.61 -13.97 -13.50
CA PHE A 269 18.38 -13.90 -12.06
C PHE A 269 19.60 -13.36 -11.32
N GLU A 270 20.80 -13.60 -11.85
CA GLU A 270 22.00 -13.01 -11.27
C GLU A 270 21.96 -11.49 -11.35
N ALA A 271 21.64 -10.95 -12.53
CA ALA A 271 21.50 -9.51 -12.66
C ALA A 271 20.32 -8.99 -11.86
N PHE A 272 19.28 -9.82 -11.71
CA PHE A 272 18.16 -9.43 -10.85
C PHE A 272 18.58 -9.37 -9.39
N ALA A 273 19.42 -10.30 -8.95
CA ALA A 273 19.96 -10.24 -7.59
C ALA A 273 20.90 -9.07 -7.42
N ALA A 274 21.64 -8.71 -8.47
CA ALA A 274 22.51 -7.53 -8.40
C ALA A 274 21.72 -6.24 -8.46
N ILE A 275 20.56 -6.25 -9.13
CA ILE A 275 19.72 -5.06 -9.18
C ILE A 275 19.06 -4.82 -7.83
N ALA A 276 18.61 -5.89 -7.16
CA ALA A 276 18.06 -5.73 -5.82
C ALA A 276 19.11 -5.22 -4.85
N ALA A 277 20.37 -5.61 -5.06
CA ALA A 277 21.45 -5.10 -4.21
C ALA A 277 21.77 -3.65 -4.52
N ALA A 278 21.77 -3.29 -5.81
CA ALA A 278 22.00 -1.89 -6.19
C ALA A 278 20.91 -0.99 -5.61
N ALA A 279 19.67 -1.49 -5.55
CA ALA A 279 18.62 -0.75 -4.88
C ALA A 279 18.93 -0.57 -3.40
N ALA A 280 19.40 -1.64 -2.74
CA ALA A 280 19.70 -1.55 -1.32
C ALA A 280 20.78 -0.52 -1.05
N GLU A 281 21.85 -0.53 -1.85
CA GLU A 281 22.95 0.40 -1.64
C GLU A 281 22.49 1.84 -1.78
N ALA A 282 21.69 2.14 -2.81
CA ALA A 282 21.22 3.50 -3.02
C ALA A 282 20.24 3.93 -1.93
N ALA A 283 19.39 3.01 -1.47
CA ALA A 283 18.43 3.35 -0.44
C ALA A 283 19.13 3.65 0.88
N ALA A 284 20.07 2.80 1.27
CA ALA A 284 20.85 3.04 2.49
C ALA A 284 21.66 4.32 2.38
N ALA A 285 22.11 4.68 1.17
CA ALA A 285 22.92 5.89 1.02
C ALA A 285 22.08 7.13 1.26
N ALA A 286 20.91 7.22 0.62
CA ALA A 286 20.01 8.34 0.85
C ALA A 286 19.62 8.43 2.32
N PHE A 287 19.58 7.30 3.03
CA PHE A 287 19.33 7.33 4.46
C PHE A 287 20.56 7.80 5.22
N GLU A 288 21.75 7.35 4.80
CA GLU A 288 22.97 7.71 5.52
C GLU A 288 23.25 9.21 5.44
N ALA A 289 22.85 9.86 4.33
CA ALA A 289 22.98 11.31 4.25
C ALA A 289 21.94 12.01 5.10
N PHE A 290 20.74 11.42 5.21
CA PHE A 290 19.74 11.95 6.12
C PHE A 290 20.24 11.96 7.56
N SER A 291 21.19 11.09 7.88
CA SER A 291 21.82 11.10 9.20
C SER A 291 22.59 12.39 9.46
N ASP A 292 22.60 13.31 8.49
CA ASP A 292 23.27 14.59 8.59
C ASP A 292 22.33 15.73 8.24
N SER A 293 21.03 15.54 8.43
CA SER A 293 20.06 16.55 8.05
C SER A 293 18.73 16.23 8.71
N THR A 294 18.25 17.17 9.52
CA THR A 294 16.98 17.10 10.20
C THR A 294 16.14 18.32 9.87
N GLY A 295 16.47 18.98 8.77
CA GLY A 295 15.64 20.05 8.25
C GLY A 295 14.57 19.48 7.33
N GLU A 296 13.39 20.10 7.38
CA GLU A 296 12.23 19.55 6.67
C GLU A 296 12.48 19.48 5.17
N THR A 297 12.99 20.58 4.59
CA THR A 297 13.15 20.63 3.14
C THR A 297 14.18 19.63 2.64
N VAL A 298 15.27 19.45 3.40
CA VAL A 298 16.27 18.46 3.01
C VAL A 298 15.71 17.05 3.13
N ALA A 299 14.86 16.81 4.14
CA ALA A 299 14.29 15.48 4.29
C ALA A 299 13.38 15.13 3.12
N GLU A 300 12.57 16.09 2.67
CA GLU A 300 11.68 15.84 1.54
C GLU A 300 12.46 15.57 0.26
N ALA A 301 13.49 16.37 -0.02
CA ALA A 301 14.30 16.14 -1.21
C ALA A 301 14.94 14.77 -1.18
N VAL A 302 15.30 14.30 0.03
CA VAL A 302 15.88 12.97 0.17
C VAL A 302 14.88 11.90 -0.24
N ALA A 303 13.69 11.93 0.37
CA ALA A 303 12.68 10.92 0.07
C ALA A 303 12.17 11.03 -1.35
N LYS A 304 12.11 12.23 -1.91
CA LYS A 304 11.66 12.40 -3.28
C LYS A 304 12.65 11.77 -4.26
N ALA A 305 13.95 11.90 -3.99
CA ALA A 305 14.95 11.27 -4.85
C ALA A 305 14.90 9.76 -4.72
N LEU A 306 14.73 9.25 -3.49
CA LEU A 306 14.58 7.81 -3.29
C LEU A 306 13.34 7.29 -4.01
N LYS A 307 12.28 8.08 -4.06
CA LYS A 307 11.13 7.73 -4.88
C LYS A 307 11.52 7.69 -6.36
N ALA A 308 12.32 8.66 -6.80
CA ALA A 308 12.80 8.64 -8.18
C ALA A 308 13.75 7.48 -8.42
N ALA A 309 14.52 7.10 -7.39
CA ALA A 309 15.41 5.95 -7.51
C ALA A 309 14.65 4.64 -7.42
N MET A 310 13.61 4.59 -6.60
CA MET A 310 12.78 3.39 -6.54
C MET A 310 12.01 3.19 -7.84
N GLU A 311 11.68 4.29 -8.54
CA GLU A 311 11.07 4.17 -9.86
C GLU A 311 12.11 3.71 -10.88
N ALA A 312 13.33 4.25 -10.81
CA ALA A 312 14.35 3.91 -11.79
C ALA A 312 14.73 2.44 -11.69
N PHE A 313 14.92 1.94 -10.46
CA PHE A 313 15.30 0.55 -10.28
C PHE A 313 14.20 -0.40 -10.77
N ALA A 314 12.94 -0.02 -10.54
CA ALA A 314 11.83 -0.85 -11.03
C ALA A 314 11.83 -0.92 -12.54
N GLU A 315 12.17 0.19 -13.21
CA GLU A 315 12.21 0.20 -14.66
C GLU A 315 13.35 -0.67 -15.19
N ILE A 316 14.52 -0.62 -14.53
CA ILE A 316 15.66 -1.40 -15.00
C ILE A 316 15.44 -2.88 -14.77
N ALA A 317 14.62 -3.24 -13.77
CA ALA A 317 14.28 -4.64 -13.57
C ALA A 317 13.20 -5.08 -14.56
N LYS A 318 12.25 -4.21 -14.89
CA LYS A 318 11.26 -4.53 -15.90
C LYS A 318 11.91 -4.63 -17.28
N ALA A 319 12.99 -3.89 -17.51
CA ALA A 319 13.69 -3.95 -18.79
C ALA A 319 14.47 -5.25 -18.94
N VAL A 320 15.20 -5.65 -17.88
CA VAL A 320 15.96 -6.89 -17.92
C VAL A 320 15.01 -8.08 -18.15
N ALA A 321 13.79 -7.98 -17.65
CA ALA A 321 12.81 -9.05 -17.88
C ALA A 321 12.36 -9.09 -19.33
N GLN A 322 12.17 -7.92 -19.95
CA GLN A 322 11.68 -7.90 -21.33
C GLN A 322 12.69 -8.48 -22.29
N ALA A 323 13.99 -8.40 -21.96
CA ALA A 323 15.02 -9.02 -22.78
C ALA A 323 15.10 -10.52 -22.53
N ALA A 324 14.75 -10.98 -21.32
CA ALA A 324 14.71 -12.40 -21.05
C ALA A 324 13.57 -13.06 -21.80
N LYS A 325 12.44 -12.36 -21.93
CA LYS A 325 11.34 -12.88 -22.75
C LYS A 325 11.76 -12.99 -24.21
N GLN A 326 12.51 -12.00 -24.70
CA GLN A 326 13.01 -12.05 -26.07
C GLN A 326 14.12 -13.08 -26.25
N GLY A 327 14.66 -13.63 -25.15
CA GLY A 327 15.77 -14.56 -25.24
C GLY A 327 17.02 -13.88 -25.77
N ALA A 328 17.65 -13.06 -24.94
CA ALA A 328 18.81 -12.29 -25.34
C ALA A 328 20.08 -12.96 -24.84
N SER A 329 21.20 -12.23 -24.93
CA SER A 329 22.50 -12.79 -24.60
C SER A 329 22.86 -12.50 -23.14
N GLU A 330 24.03 -12.94 -22.73
CA GLU A 330 24.53 -12.66 -21.38
C GLU A 330 25.06 -11.24 -21.24
N GLU A 331 25.42 -10.59 -22.34
CA GLU A 331 25.92 -9.22 -22.25
C GLU A 331 24.82 -8.23 -21.87
N ALA A 332 23.55 -8.64 -21.97
CA ALA A 332 22.45 -7.76 -21.61
C ALA A 332 22.28 -7.68 -20.10
N PHE A 333 22.16 -8.84 -19.43
CA PHE A 333 22.01 -8.85 -17.98
C PHE A 333 23.20 -8.19 -17.30
N GLU A 334 24.39 -8.37 -17.85
CA GLU A 334 25.57 -7.70 -17.31
C GLU A 334 25.47 -6.19 -17.46
N LYS A 335 25.09 -5.73 -18.66
CA LYS A 335 24.90 -4.29 -18.85
C LYS A 335 23.74 -3.77 -18.01
N PHE A 336 22.75 -4.62 -17.73
CA PHE A 336 21.65 -4.23 -16.87
C PHE A 336 22.11 -4.09 -15.42
N ALA A 337 22.90 -5.05 -14.94
CA ALA A 337 23.45 -4.94 -13.59
C ALA A 337 24.44 -3.80 -13.48
N ALA A 338 25.18 -3.50 -14.56
CA ALA A 338 26.11 -2.38 -14.53
C ALA A 338 25.39 -1.04 -14.56
N ILE A 339 24.18 -0.99 -15.12
CA ILE A 339 23.36 0.21 -15.05
C ILE A 339 22.77 0.37 -13.65
N ALA A 340 22.45 -0.74 -12.98
CA ALA A 340 21.90 -0.66 -11.64
C ALA A 340 22.95 -0.13 -10.66
N ALA A 341 24.18 -0.63 -10.77
CA ALA A 341 25.23 -0.18 -9.86
C ALA A 341 25.67 1.25 -10.18
N GLU A 342 25.72 1.60 -11.47
CA GLU A 342 26.01 2.98 -11.85
C GLU A 342 24.93 3.93 -11.33
N ALA A 343 23.68 3.45 -11.28
CA ALA A 343 22.61 4.25 -10.70
C ALA A 343 22.79 4.38 -9.18
N ALA A 344 23.29 3.33 -8.53
CA ALA A 344 23.53 3.39 -7.10
C ALA A 344 24.64 4.38 -6.77
N GLU A 345 25.72 4.37 -7.57
CA GLU A 345 26.81 5.33 -7.35
C GLU A 345 26.34 6.76 -7.52
N ALA A 346 25.36 6.99 -8.40
CA ALA A 346 24.89 8.35 -8.63
C ALA A 346 23.92 8.82 -7.55
N ALA A 347 23.06 7.92 -7.08
CA ALA A 347 22.13 8.28 -6.01
C ALA A 347 22.86 8.43 -4.68
N ALA A 348 23.93 7.68 -4.48
CA ALA A 348 24.76 7.86 -3.29
C ALA A 348 25.57 9.14 -3.37
N ALA A 349 25.94 9.55 -4.58
CA ALA A 349 26.71 10.78 -4.74
C ALA A 349 25.85 12.00 -4.48
N ALA A 350 24.61 12.01 -4.97
CA ALA A 350 23.69 13.10 -4.68
C ALA A 350 23.34 13.19 -3.20
N PHE A 351 23.66 12.17 -2.41
CA PHE A 351 23.38 12.19 -0.99
C PHE A 351 24.56 12.72 -0.19
N GLU A 352 25.77 12.23 -0.48
CA GLU A 352 26.95 12.68 0.26
C GLU A 352 27.28 14.13 -0.08
N ARG A 353 27.04 14.57 -1.31
CA ARG A 353 27.24 15.98 -1.63
C ARG A 353 26.18 16.85 -0.93
N PHE A 354 24.96 16.33 -0.81
CA PHE A 354 23.95 17.06 -0.05
C PHE A 354 24.33 17.18 1.42
N SER A 355 25.22 16.32 1.91
CA SER A 355 25.67 16.36 3.30
C SER A 355 26.53 17.59 3.53
N ASP A 356 26.67 18.42 2.50
CA ASP A 356 27.40 19.67 2.54
C ASP A 356 26.50 20.83 2.10
N SER A 357 25.17 20.64 2.20
CA SER A 357 24.21 21.67 1.81
C SER A 357 22.80 21.29 2.26
N THR A 358 22.29 21.97 3.30
CA THR A 358 20.96 21.73 3.84
C THR A 358 20.05 22.96 3.67
N GLY A 359 20.38 23.83 2.72
CA GLY A 359 19.47 24.89 2.35
C GLY A 359 18.44 24.35 1.38
N GLU A 360 17.18 24.78 1.55
CA GLU A 360 16.08 24.21 0.77
C GLU A 360 16.35 24.28 -0.73
N THR A 361 17.00 25.35 -1.17
CA THR A 361 17.29 25.50 -2.59
C THR A 361 18.25 24.43 -3.08
N GLU A 362 19.32 24.17 -2.32
CA GLU A 362 20.29 23.16 -2.73
C GLU A 362 19.73 21.75 -2.62
N ALA A 363 18.82 21.52 -1.67
CA ALA A 363 18.24 20.20 -1.50
C ALA A 363 17.34 19.84 -2.68
N GLU A 364 16.37 20.68 -3.00
CA GLU A 364 15.47 20.40 -4.11
C GLU A 364 16.17 20.53 -5.46
N LYS A 365 17.34 21.18 -5.50
CA LYS A 365 18.10 21.26 -6.75
C LYS A 365 18.82 19.94 -7.03
N VAL A 366 19.53 19.41 -6.03
CA VAL A 366 20.16 18.11 -6.19
C VAL A 366 19.10 17.03 -6.36
N ALA A 367 17.91 17.22 -5.80
CA ALA A 367 16.85 16.24 -5.97
C ALA A 367 16.36 16.21 -7.41
N LYS A 368 16.03 17.38 -7.96
CA LYS A 368 15.54 17.43 -9.34
C LYS A 368 16.59 16.90 -10.33
N GLU A 369 17.88 17.11 -10.04
CA GLU A 369 18.91 16.55 -10.90
C GLU A 369 18.97 15.03 -10.79
N LEU A 370 18.67 14.48 -9.62
CA LEU A 370 18.61 13.03 -9.47
C LEU A 370 17.40 12.44 -10.16
N LYS A 371 16.35 13.23 -10.37
CA LYS A 371 15.20 12.80 -11.17
C LYS A 371 15.51 12.90 -12.66
N GLN A 372 16.20 13.95 -13.08
CA GLN A 372 16.60 14.07 -14.47
C GLN A 372 17.57 12.97 -14.85
N LEU A 373 18.53 12.68 -13.98
CA LEU A 373 19.49 11.60 -14.24
C LEU A 373 18.83 10.23 -14.09
N MET A 374 17.86 10.09 -13.20
CA MET A 374 17.16 8.81 -13.07
C MET A 374 16.38 8.50 -14.34
N GLU A 375 15.63 9.48 -14.85
CA GLU A 375 14.95 9.32 -16.12
C GLU A 375 15.93 9.02 -17.25
N GLU A 376 17.16 9.54 -17.15
CA GLU A 376 18.18 9.23 -18.14
C GLU A 376 18.68 7.79 -17.98
N PHE A 377 18.90 7.35 -16.74
CA PHE A 377 19.35 5.98 -16.52
C PHE A 377 18.29 4.98 -16.94
N ALA A 378 17.02 5.24 -16.61
CA ALA A 378 15.94 4.39 -17.10
C ALA A 378 15.89 4.41 -18.62
N GLU A 379 16.16 5.56 -19.23
CA GLU A 379 16.26 5.63 -20.68
C GLU A 379 17.45 4.81 -21.19
N ARG A 380 18.52 4.74 -20.41
CA ARG A 380 19.67 3.93 -20.80
C ARG A 380 19.37 2.44 -20.65
N ALA A 381 18.63 2.07 -19.60
CA ALA A 381 18.26 0.67 -19.43
C ALA A 381 17.26 0.22 -20.49
N LYS A 382 16.29 1.08 -20.83
CA LYS A 382 15.33 0.73 -21.87
C LYS A 382 16.01 0.63 -23.23
N SER A 383 16.98 1.51 -23.48
CA SER A 383 17.74 1.43 -24.74
C SER A 383 18.50 0.12 -24.83
N VAL A 384 19.05 -0.36 -23.70
CA VAL A 384 19.76 -1.63 -23.71
C VAL A 384 18.80 -2.78 -24.02
N ALA A 385 17.55 -2.66 -23.55
CA ALA A 385 16.57 -3.73 -23.76
C ALA A 385 16.14 -3.79 -25.23
N GLU A 386 15.73 -2.64 -25.79
CA GLU A 386 15.27 -2.62 -27.18
C GLU A 386 16.39 -2.98 -28.16
N GLN A 387 17.65 -2.79 -27.78
CA GLN A 387 18.75 -3.24 -28.63
C GLN A 387 18.94 -4.74 -28.56
N ALA A 388 18.70 -5.35 -27.39
CA ALA A 388 18.84 -6.79 -27.26
C ALA A 388 17.70 -7.57 -27.92
N LYS A 389 16.55 -6.92 -28.13
CA LYS A 389 15.42 -7.61 -28.75
C LYS A 389 15.64 -7.84 -30.24
N ASN A 390 16.43 -6.97 -30.88
CA ASN A 390 16.70 -7.09 -32.32
C ASN A 390 17.81 -8.08 -32.64
N GLY A 391 18.51 -8.59 -31.63
CA GLY A 391 19.60 -9.53 -31.83
C GLY A 391 20.96 -8.88 -31.94
N ALA A 392 21.38 -8.15 -30.91
CA ALA A 392 22.58 -7.34 -30.98
C ALA A 392 23.82 -8.12 -30.57
N SER A 393 24.93 -7.82 -31.23
CA SER A 393 26.23 -8.39 -30.90
C SER A 393 27.19 -7.30 -30.42
N GLU B 10 -24.80 11.34 26.92
CA GLU B 10 -25.95 10.43 26.97
C GLU B 10 -26.12 9.71 25.63
N ALA B 11 -25.90 10.45 24.54
CA ALA B 11 -25.97 9.84 23.21
C ALA B 11 -24.90 8.77 23.00
N ALA B 12 -23.96 8.60 23.94
CA ALA B 12 -23.01 7.50 23.80
C ALA B 12 -23.71 6.16 23.97
N ASP B 13 -24.65 6.08 24.92
CA ASP B 13 -25.42 4.85 25.09
C ASP B 13 -26.27 4.56 23.86
N GLU B 14 -26.75 5.60 23.17
CA GLU B 14 -27.52 5.40 21.95
C GLU B 14 -26.66 4.84 20.84
N ALA B 15 -25.42 5.32 20.72
CA ALA B 15 -24.53 4.81 19.68
C ALA B 15 -24.19 3.35 19.90
N ARG B 16 -24.13 2.92 21.17
CA ARG B 16 -23.85 1.52 21.46
C ARG B 16 -25.01 0.62 21.05
N ARG B 17 -26.25 1.10 21.22
CA ARG B 17 -27.41 0.31 20.84
C ARG B 17 -27.52 0.20 19.32
N ALA B 18 -27.20 1.28 18.60
CA ALA B 18 -27.25 1.23 17.15
C ALA B 18 -26.15 0.32 16.60
N ILE B 19 -24.96 0.40 17.16
CA ILE B 19 -23.87 -0.48 16.73
C ILE B 19 -24.25 -1.93 16.99
N GLU B 20 -24.88 -2.21 18.13
CA GLU B 20 -25.34 -3.57 18.41
C GLU B 20 -26.36 -4.03 17.39
N ALA B 21 -27.27 -3.14 16.97
CA ALA B 21 -28.23 -3.50 15.94
C ALA B 21 -27.54 -3.78 14.61
N ALA B 22 -26.52 -3.00 14.28
CA ALA B 22 -25.83 -3.19 13.01
C ALA B 22 -25.00 -4.47 13.02
N LEU B 23 -24.38 -4.79 14.16
CA LEU B 23 -23.56 -6.00 14.26
C LEU B 23 -24.40 -7.24 14.05
N GLU B 24 -25.51 -7.35 14.77
CA GLU B 24 -26.42 -8.48 14.57
C GLU B 24 -27.02 -8.45 13.17
N GLU B 25 -27.15 -7.27 12.58
CA GLU B 25 -27.64 -7.17 11.20
C GLU B 25 -26.63 -7.75 10.22
N ALA B 26 -25.36 -7.41 10.39
CA ALA B 26 -24.33 -7.96 9.51
C ALA B 26 -24.20 -9.47 9.71
N ARG B 27 -24.34 -9.94 10.94
CA ARG B 27 -24.29 -11.38 11.20
C ARG B 27 -25.45 -12.09 10.52
N ALA B 28 -26.65 -11.53 10.62
CA ALA B 28 -27.80 -12.10 9.94
C ALA B 28 -27.63 -12.05 8.42
N ALA B 29 -26.97 -11.00 7.91
CA ALA B 29 -26.69 -10.94 6.48
C ALA B 29 -25.75 -12.07 6.06
N ALA B 30 -24.76 -12.37 6.89
CA ALA B 30 -23.91 -13.53 6.62
C ALA B 30 -24.71 -14.82 6.68
N ASP B 31 -25.66 -14.90 7.61
CA ASP B 31 -26.45 -16.12 7.76
C ASP B 31 -27.39 -16.34 6.58
N GLU B 32 -27.90 -15.26 5.98
CA GLU B 32 -28.79 -15.40 4.83
C GLU B 32 -28.01 -15.70 3.55
N ALA B 33 -26.82 -15.09 3.40
CA ALA B 33 -25.97 -15.44 2.26
C ALA B 33 -25.46 -16.86 2.37
N ARG B 34 -25.19 -17.34 3.59
CA ARG B 34 -24.77 -18.73 3.77
C ARG B 34 -25.92 -19.69 3.57
N SER B 35 -27.13 -19.29 3.99
CA SER B 35 -28.34 -20.06 3.73
C SER B 35 -28.65 -20.15 2.23
N ASP B 36 -27.96 -19.38 1.40
CA ASP B 36 -28.11 -19.44 -0.05
C ASP B 36 -26.97 -20.21 -0.71
N SER B 37 -26.23 -21.02 0.04
CA SER B 37 -25.10 -21.76 -0.53
C SER B 37 -24.82 -22.97 0.34
N THR B 38 -23.97 -23.87 -0.19
CA THR B 38 -23.63 -25.08 0.57
C THR B 38 -22.27 -25.67 0.23
N GLY B 39 -21.31 -24.90 -0.29
CA GLY B 39 -20.00 -25.44 -0.57
C GLY B 39 -19.17 -25.60 0.70
N GLU B 40 -17.89 -25.92 0.48
CA GLU B 40 -16.94 -26.08 1.58
C GLU B 40 -16.00 -24.89 1.73
N THR B 41 -15.34 -24.49 0.64
CA THR B 41 -14.55 -23.26 0.67
C THR B 41 -15.45 -22.04 0.84
N VAL B 42 -16.69 -22.11 0.38
CA VAL B 42 -17.63 -21.02 0.59
C VAL B 42 -18.05 -20.92 2.05
N LYS B 43 -17.87 -22.00 2.82
CA LYS B 43 -18.16 -21.97 4.26
C LYS B 43 -16.97 -21.53 5.08
N LYS B 44 -15.76 -21.88 4.66
CA LYS B 44 -14.56 -21.35 5.34
C LYS B 44 -14.43 -19.85 5.12
N ALA B 45 -14.84 -19.37 3.94
CA ALA B 45 -14.73 -17.95 3.65
C ALA B 45 -15.91 -17.16 4.19
N VAL B 46 -17.09 -17.78 4.27
CA VAL B 46 -18.23 -17.12 4.92
C VAL B 46 -17.98 -17.02 6.42
N ASP B 47 -17.33 -18.04 7.01
CA ASP B 47 -16.97 -17.95 8.41
C ASP B 47 -15.88 -16.92 8.63
N LYS B 48 -14.97 -16.77 7.67
CA LYS B 48 -13.91 -15.78 7.77
C LYS B 48 -14.46 -14.36 7.68
N ALA B 49 -15.34 -14.11 6.71
CA ALA B 49 -15.87 -12.75 6.53
C ALA B 49 -16.85 -12.38 7.63
N GLU B 50 -17.37 -13.35 8.38
CA GLU B 50 -18.20 -13.04 9.53
C GLU B 50 -17.35 -12.65 10.74
N LYS B 51 -16.18 -13.27 10.90
CA LYS B 51 -15.32 -12.93 12.02
C LYS B 51 -14.64 -11.58 11.83
N ALA B 52 -14.46 -11.14 10.59
CA ALA B 52 -13.83 -9.85 10.33
C ALA B 52 -14.81 -8.71 10.56
N ALA B 53 -16.06 -8.87 10.12
CA ALA B 53 -17.08 -7.85 10.37
C ALA B 53 -17.40 -7.74 11.85
N GLU B 54 -17.31 -8.84 12.60
CA GLU B 54 -17.49 -8.77 14.04
C GLU B 54 -16.32 -8.06 14.70
N ASP B 55 -15.11 -8.28 14.21
CA ASP B 55 -13.94 -7.55 14.71
C ASP B 55 -14.08 -6.06 14.45
N ALA B 56 -14.69 -5.69 13.32
CA ALA B 56 -14.92 -4.27 13.04
C ALA B 56 -15.98 -3.70 13.97
N PHE B 57 -17.01 -4.48 14.29
CA PHE B 57 -18.07 -4.00 15.17
C PHE B 57 -17.56 -3.76 16.58
N ARG B 58 -16.75 -4.68 17.09
CA ARG B 58 -16.20 -4.50 18.44
C ARG B 58 -15.23 -3.33 18.49
N GLU B 59 -14.49 -3.09 17.39
CA GLU B 59 -13.56 -1.98 17.35
C GLU B 59 -14.29 -0.64 17.38
N ILE B 60 -15.53 -0.60 16.88
CA ILE B 60 -16.30 0.64 16.88
C ILE B 60 -16.79 0.95 18.29
N LYS B 61 -17.29 -0.06 19.01
CA LYS B 61 -17.76 0.15 20.37
C LYS B 61 -16.62 0.56 21.29
N GLN B 62 -15.41 0.04 21.04
CA GLN B 62 -14.25 0.44 21.83
C GLN B 62 -13.89 1.90 21.54
N ALA B 63 -13.82 2.26 20.25
CA ALA B 63 -13.57 3.66 19.89
C ALA B 63 -14.65 4.57 20.44
N VAL B 64 -15.88 4.06 20.57
CA VAL B 64 -16.92 4.81 21.26
C VAL B 64 -16.63 4.86 22.76
N ASN B 65 -16.14 3.75 23.33
CA ASN B 65 -15.90 3.72 24.76
C ASN B 65 -14.70 4.56 25.16
N GLN B 66 -13.72 4.72 24.26
CA GLN B 66 -12.57 5.56 24.55
C GLN B 66 -12.84 7.03 24.29
N ALA B 67 -13.85 7.35 23.47
CA ALA B 67 -14.22 8.74 23.24
C ALA B 67 -15.07 9.29 24.38
N GLU B 68 -15.84 8.43 25.06
CA GLU B 68 -16.51 8.85 26.28
C GLU B 68 -15.50 9.08 27.39
N LYS B 69 -14.49 8.20 27.49
CA LYS B 69 -13.37 8.48 28.37
C LYS B 69 -12.61 9.72 27.91
N GLN B 70 -12.71 10.05 26.63
CA GLN B 70 -12.13 11.27 26.08
C GLN B 70 -13.12 12.42 26.05
N GLY B 71 -14.22 12.30 26.78
CA GLY B 71 -15.19 13.38 26.94
C GLY B 71 -15.65 14.02 25.66
N ALA B 72 -15.75 13.24 24.60
CA ALA B 72 -16.11 13.77 23.30
C ALA B 72 -17.52 14.33 23.31
N SER B 73 -17.78 15.23 22.36
CA SER B 73 -19.13 15.70 22.14
C SER B 73 -19.97 14.59 21.52
N GLU B 74 -21.29 14.80 21.50
CA GLU B 74 -22.17 13.84 20.85
C GLU B 74 -22.06 13.89 19.33
N ALA B 75 -21.27 14.82 18.77
CA ALA B 75 -21.03 14.83 17.34
C ALA B 75 -20.20 13.63 16.90
N ALA B 76 -19.19 13.28 17.70
CA ALA B 76 -18.43 12.05 17.44
C ALA B 76 -19.31 10.82 17.68
N PHE B 77 -20.16 10.86 18.71
CA PHE B 77 -21.10 9.76 18.93
C PHE B 77 -22.03 9.58 17.75
N GLU B 78 -22.48 10.68 17.16
CA GLU B 78 -23.31 10.59 15.96
C GLU B 78 -22.51 10.02 14.79
N ALA B 79 -21.27 10.48 14.62
CA ALA B 79 -20.43 9.97 13.54
C ALA B 79 -20.21 8.48 13.66
N PHE B 80 -20.13 7.97 14.89
CA PHE B 80 -19.96 6.53 15.10
C PHE B 80 -21.21 5.77 14.67
N ALA B 81 -22.38 6.31 14.97
CA ALA B 81 -23.62 5.64 14.59
C ALA B 81 -23.76 5.56 13.07
N ALA B 82 -23.47 6.67 12.38
CA ALA B 82 -23.51 6.64 10.92
C ALA B 82 -22.42 5.75 10.34
N ILE B 83 -21.29 5.62 11.04
CA ILE B 83 -20.21 4.77 10.56
C ILE B 83 -20.60 3.29 10.65
N ALA B 84 -21.27 2.92 11.74
CA ALA B 84 -21.66 1.52 11.93
C ALA B 84 -22.73 1.10 10.93
N ALA B 85 -23.59 2.02 10.51
CA ALA B 85 -24.64 1.68 9.55
C ALA B 85 -24.06 1.46 8.17
N ALA B 86 -23.19 2.37 7.71
CA ALA B 86 -22.50 2.16 6.44
C ALA B 86 -21.60 0.94 6.49
N ALA B 87 -21.05 0.61 7.66
CA ALA B 87 -20.26 -0.60 7.80
C ALA B 87 -21.12 -1.84 7.58
N ALA B 88 -22.27 -1.91 8.27
CA ALA B 88 -23.17 -3.04 8.09
C ALA B 88 -23.73 -3.11 6.68
N GLU B 89 -23.77 -1.97 5.97
CA GLU B 89 -24.24 -1.97 4.59
C GLU B 89 -23.22 -2.55 3.62
N ALA B 90 -21.93 -2.42 3.93
CA ALA B 90 -20.89 -2.94 3.03
C ALA B 90 -20.69 -4.43 3.21
N ALA B 91 -20.67 -4.91 4.46
CA ALA B 91 -20.62 -6.35 4.69
C ALA B 91 -21.85 -7.04 4.13
N ALA B 92 -23.01 -6.40 4.26
CA ALA B 92 -24.20 -6.90 3.59
C ALA B 92 -24.08 -6.76 2.08
N ALA B 93 -23.38 -5.73 1.60
CA ALA B 93 -23.12 -5.62 0.17
C ALA B 93 -22.17 -6.71 -0.29
N ALA B 94 -21.14 -7.02 0.50
CA ALA B 94 -20.25 -8.12 0.18
C ALA B 94 -21.00 -9.45 0.19
N PHE B 95 -21.86 -9.65 1.19
CA PHE B 95 -22.64 -10.88 1.25
C PHE B 95 -23.73 -10.91 0.18
N GLU B 96 -24.20 -9.74 -0.26
CA GLU B 96 -25.16 -9.72 -1.35
C GLU B 96 -24.49 -10.06 -2.68
N ALA B 97 -23.19 -9.77 -2.80
CA ALA B 97 -22.47 -10.16 -4.00
C ALA B 97 -22.04 -11.62 -3.96
N PHE B 98 -21.79 -12.16 -2.77
CA PHE B 98 -21.47 -13.57 -2.64
C PHE B 98 -22.68 -14.47 -2.85
N SER B 99 -23.89 -13.94 -2.65
CA SER B 99 -25.10 -14.68 -3.02
C SER B 99 -25.17 -14.92 -4.52
N ASP B 100 -24.37 -14.21 -5.32
CA ASP B 100 -24.36 -14.33 -6.77
C ASP B 100 -23.19 -15.15 -7.29
N SER B 101 -22.66 -16.06 -6.48
CA SER B 101 -21.53 -16.89 -6.88
C SER B 101 -21.39 -18.02 -5.88
N THR B 102 -20.49 -18.95 -6.18
CA THR B 102 -20.24 -20.10 -5.32
C THR B 102 -18.97 -20.83 -5.73
N GLY B 103 -17.92 -20.09 -6.06
CA GLY B 103 -16.68 -20.70 -6.50
C GLY B 103 -15.72 -21.07 -5.38
N GLU B 104 -14.43 -20.72 -5.55
CA GLU B 104 -13.41 -21.00 -4.56
C GLU B 104 -12.45 -19.82 -4.42
N THR B 105 -11.75 -19.46 -5.50
CA THR B 105 -10.86 -18.31 -5.45
C THR B 105 -11.65 -17.02 -5.24
N VAL B 106 -12.85 -16.94 -5.83
CA VAL B 106 -13.70 -15.77 -5.61
C VAL B 106 -14.20 -15.72 -4.18
N ALA B 107 -14.41 -16.88 -3.55
CA ALA B 107 -14.78 -16.90 -2.15
C ALA B 107 -13.62 -16.46 -1.27
N GLU B 108 -12.40 -16.90 -1.60
CA GLU B 108 -11.23 -16.45 -0.86
C GLU B 108 -11.03 -14.94 -1.01
N ALA B 109 -11.29 -14.41 -2.20
CA ALA B 109 -11.21 -12.97 -2.40
C ALA B 109 -12.36 -12.24 -1.72
N VAL B 110 -13.51 -12.90 -1.58
CA VAL B 110 -14.66 -12.29 -0.91
C VAL B 110 -14.35 -12.08 0.56
N ALA B 111 -13.79 -13.08 1.23
CA ALA B 111 -13.43 -12.93 2.63
C ALA B 111 -12.26 -11.96 2.80
N LYS B 112 -11.34 -11.92 1.84
CA LYS B 112 -10.22 -10.99 1.91
C LYS B 112 -10.70 -9.54 1.74
N ALA B 113 -11.63 -9.31 0.80
CA ALA B 113 -12.13 -7.97 0.57
C ALA B 113 -13.03 -7.49 1.72
N LEU B 114 -13.58 -8.42 2.50
CA LEU B 114 -14.35 -8.03 3.68
C LEU B 114 -13.44 -7.64 4.83
N LYS B 115 -12.40 -8.44 5.10
CA LYS B 115 -11.45 -8.11 6.15
C LYS B 115 -10.68 -6.84 5.84
N ALA B 116 -10.63 -6.42 4.57
CA ALA B 116 -9.97 -5.15 4.24
C ALA B 116 -10.93 -3.98 4.41
N ALA B 117 -12.19 -4.15 4.01
CA ALA B 117 -13.18 -3.09 4.22
C ALA B 117 -13.49 -2.90 5.69
N MET B 118 -13.57 -4.00 6.44
CA MET B 118 -13.75 -3.89 7.89
C MET B 118 -12.54 -3.22 8.53
N GLU B 119 -11.35 -3.46 8.00
CA GLU B 119 -10.16 -2.78 8.49
C GLU B 119 -10.23 -1.28 8.24
N ALA B 120 -10.85 -0.88 7.13
CA ALA B 120 -10.98 0.54 6.83
C ALA B 120 -12.00 1.20 7.75
N PHE B 121 -13.11 0.51 8.03
CA PHE B 121 -14.15 1.09 8.88
C PHE B 121 -13.64 1.34 10.29
N ALA B 122 -12.96 0.36 10.88
CA ALA B 122 -12.41 0.54 12.22
C ALA B 122 -11.35 1.62 12.24
N GLU B 123 -10.68 1.86 11.11
CA GLU B 123 -9.70 2.93 11.05
C GLU B 123 -10.36 4.30 11.10
N ILE B 124 -11.47 4.47 10.39
CA ILE B 124 -12.17 5.75 10.41
C ILE B 124 -12.75 6.03 11.79
N ALA B 125 -13.22 4.97 12.47
CA ALA B 125 -13.71 5.13 13.84
C ALA B 125 -12.56 5.48 14.79
N LYS B 126 -11.38 4.88 14.59
CA LYS B 126 -10.23 5.27 15.38
C LYS B 126 -9.84 6.72 15.10
N ALA B 127 -9.99 7.14 13.83
CA ALA B 127 -9.75 8.55 13.51
C ALA B 127 -10.77 9.45 14.19
N VAL B 128 -12.01 8.98 14.34
CA VAL B 128 -13.00 9.73 15.10
C VAL B 128 -12.61 9.79 16.58
N ALA B 129 -11.99 8.73 17.08
CA ALA B 129 -11.59 8.70 18.49
C ALA B 129 -10.43 9.64 18.75
N GLN B 130 -9.48 9.73 17.83
CA GLN B 130 -8.36 10.65 17.99
C GLN B 130 -8.82 12.10 17.86
N ALA B 131 -9.72 12.36 16.91
CA ALA B 131 -10.34 13.68 16.82
C ALA B 131 -11.17 13.98 18.08
N ALA B 132 -11.87 12.98 18.59
CA ALA B 132 -12.57 13.14 19.86
C ALA B 132 -11.60 13.52 20.96
N LYS B 133 -10.44 12.85 21.01
CA LYS B 133 -9.40 13.24 21.94
C LYS B 133 -8.89 14.64 21.63
N GLN B 134 -8.95 15.06 20.37
CA GLN B 134 -8.46 16.37 19.96
C GLN B 134 -9.54 17.47 20.04
N GLY B 135 -10.62 17.21 20.79
CA GLY B 135 -11.67 18.18 21.03
C GLY B 135 -12.11 18.93 19.80
N ALA B 136 -12.32 18.20 18.70
CA ALA B 136 -12.49 18.84 17.41
C ALA B 136 -13.83 19.56 17.32
N SER B 137 -14.03 20.23 16.19
CA SER B 137 -15.30 20.85 15.89
C SER B 137 -16.24 19.81 15.27
N GLU B 138 -17.38 20.25 14.75
CA GLU B 138 -18.40 19.35 14.23
C GLU B 138 -18.25 19.08 12.74
N ALA B 139 -17.40 19.83 12.04
CA ALA B 139 -17.22 19.63 10.61
C ALA B 139 -16.35 18.40 10.32
N ALA B 140 -15.37 18.12 11.17
CA ALA B 140 -14.57 16.92 10.98
C ALA B 140 -15.41 15.67 11.19
N PHE B 141 -16.22 15.65 12.27
CA PHE B 141 -17.09 14.51 12.50
C PHE B 141 -18.09 14.34 11.37
N GLU B 142 -18.57 15.45 10.81
CA GLU B 142 -19.41 15.37 9.62
C GLU B 142 -18.65 14.75 8.46
N ALA B 143 -17.37 15.12 8.29
CA ALA B 143 -16.57 14.53 7.22
C ALA B 143 -16.28 13.06 7.48
N PHE B 144 -16.25 12.66 8.75
CA PHE B 144 -15.98 11.27 9.10
C PHE B 144 -17.11 10.36 8.65
N ALA B 145 -18.34 10.73 8.99
CA ALA B 145 -19.49 9.93 8.56
C ALA B 145 -19.67 9.98 7.06
N ALA B 146 -19.27 11.08 6.42
CA ALA B 146 -19.35 11.17 4.97
C ALA B 146 -18.30 10.27 4.31
N ILE B 147 -17.11 10.17 4.90
CA ILE B 147 -16.05 9.37 4.31
C ILE B 147 -16.39 7.88 4.39
N ALA B 148 -17.01 7.45 5.48
CA ALA B 148 -17.38 6.05 5.62
C ALA B 148 -18.49 5.65 4.66
N ALA B 149 -19.44 6.57 4.40
CA ALA B 149 -20.52 6.26 3.46
C ALA B 149 -19.98 6.13 2.04
N ALA B 150 -19.08 7.05 1.65
CA ALA B 150 -18.42 6.91 0.35
C ALA B 150 -17.57 5.64 0.31
N ALA B 151 -16.94 5.30 1.43
CA ALA B 151 -16.23 4.03 1.52
C ALA B 151 -17.18 2.86 1.40
N ALA B 152 -18.37 2.99 1.99
CA ALA B 152 -19.40 1.96 1.82
C ALA B 152 -19.86 1.88 0.36
N GLU B 153 -19.86 3.01 -0.34
CA GLU B 153 -20.29 3.02 -1.74
C GLU B 153 -19.30 2.27 -2.61
N ALA B 154 -18.00 2.53 -2.44
CA ALA B 154 -17.00 1.93 -3.30
C ALA B 154 -16.91 0.42 -3.07
N ALA B 155 -16.95 -0.02 -1.81
CA ALA B 155 -16.94 -1.45 -1.52
C ALA B 155 -18.15 -2.13 -2.16
N ALA B 156 -19.31 -1.47 -2.15
CA ALA B 156 -20.48 -2.01 -2.82
C ALA B 156 -20.27 -2.00 -4.34
N ALA B 157 -19.59 -0.98 -4.85
CA ALA B 157 -19.31 -0.91 -6.29
C ALA B 157 -18.39 -2.06 -6.71
N ALA B 158 -17.31 -2.27 -5.96
CA ALA B 158 -16.43 -3.41 -6.23
C ALA B 158 -17.17 -4.72 -6.08
N PHE B 159 -18.16 -4.78 -5.18
CA PHE B 159 -18.93 -6.00 -5.01
C PHE B 159 -19.82 -6.27 -6.23
N GLU B 160 -20.56 -5.24 -6.66
CA GLU B 160 -21.45 -5.42 -7.81
C GLU B 160 -20.66 -5.73 -9.08
N ALA B 161 -19.52 -5.05 -9.28
CA ALA B 161 -18.65 -5.38 -10.40
C ALA B 161 -18.10 -6.79 -10.26
N PHE B 162 -17.83 -7.22 -9.02
CA PHE B 162 -17.44 -8.61 -8.78
C PHE B 162 -18.60 -9.56 -9.08
N SER B 163 -19.82 -9.12 -8.78
CA SER B 163 -21.01 -9.87 -9.17
C SER B 163 -21.17 -9.96 -10.68
N ASP B 164 -20.42 -9.15 -11.44
CA ASP B 164 -20.39 -9.23 -12.90
C ASP B 164 -19.19 -10.01 -13.41
N SER B 165 -18.75 -11.03 -12.68
CA SER B 165 -17.60 -11.83 -13.08
C SER B 165 -17.60 -13.12 -12.27
N THR B 166 -16.84 -14.11 -12.75
CA THR B 166 -16.74 -15.37 -12.01
C THR B 166 -15.38 -16.03 -12.18
N GLY B 167 -14.34 -15.31 -12.57
CA GLY B 167 -13.02 -15.88 -12.79
C GLY B 167 -12.13 -15.81 -11.57
N GLU B 168 -10.87 -16.22 -11.77
CA GLU B 168 -9.88 -16.25 -10.71
C GLU B 168 -8.98 -15.01 -10.71
N THR B 169 -8.39 -14.67 -11.85
CA THR B 169 -7.50 -13.51 -11.89
C THR B 169 -8.28 -12.21 -11.67
N VAL B 170 -9.48 -12.11 -12.25
CA VAL B 170 -10.31 -10.93 -12.04
C VAL B 170 -10.76 -10.85 -10.59
N ALA B 171 -10.95 -12.00 -9.94
CA ALA B 171 -11.30 -11.99 -8.52
C ALA B 171 -10.11 -11.54 -7.68
N GLU B 172 -8.91 -12.00 -8.01
CA GLU B 172 -7.72 -11.56 -7.29
C GLU B 172 -7.42 -10.09 -7.56
N ALA B 173 -7.78 -9.60 -8.75
CA ALA B 173 -7.58 -8.19 -9.06
C ALA B 173 -8.61 -7.33 -8.34
N VAL B 174 -9.86 -7.78 -8.28
CA VAL B 174 -10.91 -7.02 -7.59
C VAL B 174 -10.60 -6.93 -6.10
N ALA B 175 -10.12 -8.02 -5.50
CA ALA B 175 -9.72 -7.99 -4.11
C ALA B 175 -8.50 -7.10 -3.90
N LYS B 176 -7.62 -7.02 -4.90
CA LYS B 176 -6.46 -6.13 -4.81
C LYS B 176 -6.88 -4.68 -4.95
N ALA B 177 -7.78 -4.38 -5.89
CA ALA B 177 -8.23 -3.01 -6.08
C ALA B 177 -9.09 -2.54 -4.91
N LEU B 178 -9.87 -3.45 -4.33
CA LEU B 178 -10.65 -3.09 -3.14
C LEU B 178 -9.74 -2.80 -1.96
N LYS B 179 -8.68 -3.58 -1.79
CA LYS B 179 -7.77 -3.36 -0.67
C LYS B 179 -7.09 -1.99 -0.77
N ALA B 180 -6.78 -1.57 -2.00
CA ALA B 180 -6.12 -0.27 -2.18
C ALA B 180 -7.07 0.88 -1.87
N ALA B 181 -8.35 0.71 -2.20
CA ALA B 181 -9.33 1.77 -1.94
C ALA B 181 -9.56 1.94 -0.44
N MET B 182 -9.73 0.83 0.28
CA MET B 182 -9.92 0.93 1.73
C MET B 182 -8.76 1.66 2.38
N GLU B 183 -7.54 1.41 1.90
CA GLU B 183 -6.38 2.13 2.42
C GLU B 183 -6.50 3.62 2.15
N ALA B 184 -6.90 3.99 0.93
CA ALA B 184 -7.06 5.41 0.61
C ALA B 184 -8.14 6.06 1.46
N PHE B 185 -9.21 5.32 1.76
CA PHE B 185 -10.27 5.85 2.61
C PHE B 185 -9.78 6.07 4.03
N ALA B 186 -9.04 5.11 4.58
CA ALA B 186 -8.52 5.24 5.93
C ALA B 186 -7.53 6.39 6.03
N GLU B 187 -6.75 6.62 4.97
CA GLU B 187 -5.78 7.71 4.99
C GLU B 187 -6.48 9.07 5.02
N ILE B 188 -7.61 9.18 4.31
CA ILE B 188 -8.36 10.43 4.30
C ILE B 188 -8.90 10.74 5.69
N ALA B 189 -9.47 9.74 6.35
CA ALA B 189 -9.97 9.95 7.71
C ALA B 189 -8.84 10.29 8.67
N LYS B 190 -7.67 9.70 8.45
CA LYS B 190 -6.51 10.07 9.28
C LYS B 190 -6.14 11.53 9.05
N ALA B 191 -6.14 11.97 7.80
CA ALA B 191 -5.90 13.38 7.51
C ALA B 191 -6.96 14.26 8.15
N VAL B 192 -8.19 13.77 8.27
CA VAL B 192 -9.23 14.51 8.98
C VAL B 192 -8.90 14.57 10.47
N ALA B 193 -8.48 13.45 11.05
CA ALA B 193 -8.12 13.43 12.45
C ALA B 193 -6.91 14.33 12.72
N GLN B 194 -5.95 14.36 11.80
CA GLN B 194 -4.79 15.22 11.97
C GLN B 194 -5.20 16.69 11.99
N ALA B 195 -6.04 17.10 11.03
CA ALA B 195 -6.52 18.48 11.01
C ALA B 195 -7.38 18.79 12.22
N ALA B 196 -8.03 17.77 12.80
CA ALA B 196 -8.80 17.96 14.02
C ALA B 196 -7.88 18.27 15.20
N LYS B 197 -6.70 17.64 15.24
CA LYS B 197 -5.68 18.06 16.19
C LYS B 197 -5.09 19.42 15.82
N GLN B 198 -5.20 19.82 14.55
CA GLN B 198 -4.64 21.07 14.06
C GLN B 198 -5.65 22.21 14.08
N GLY B 199 -6.79 22.03 14.74
CA GLY B 199 -7.80 23.08 14.88
C GLY B 199 -8.16 23.78 13.58
N ALA B 200 -8.44 23.02 12.55
CA ALA B 200 -8.70 23.58 11.22
C ALA B 200 -10.08 24.23 11.18
N SER B 201 -10.39 24.83 10.04
CA SER B 201 -11.67 25.46 9.80
C SER B 201 -12.64 24.42 9.24
N GLU B 202 -13.67 24.87 8.54
CA GLU B 202 -14.75 24.01 8.06
C GLU B 202 -14.62 23.65 6.58
N ALA B 203 -14.07 24.55 5.76
CA ALA B 203 -13.93 24.27 4.33
C ALA B 203 -12.92 23.17 4.06
N ALA B 204 -11.99 22.93 4.98
CA ALA B 204 -11.09 21.78 4.83
C ALA B 204 -11.87 20.47 4.97
N PHE B 205 -12.70 20.38 6.01
CA PHE B 205 -13.56 19.21 6.15
C PHE B 205 -14.52 19.10 4.97
N GLU B 206 -14.91 20.22 4.39
CA GLU B 206 -15.66 20.19 3.14
C GLU B 206 -14.82 19.61 2.02
N ALA B 207 -13.55 20.04 1.92
CA ALA B 207 -12.67 19.45 0.92
C ALA B 207 -12.37 17.99 1.23
N PHE B 208 -12.37 17.63 2.52
CA PHE B 208 -12.13 16.24 2.90
C PHE B 208 -13.23 15.32 2.39
N ALA B 209 -14.48 15.63 2.72
CA ALA B 209 -15.58 14.80 2.25
C ALA B 209 -15.77 14.87 0.75
N ALA B 210 -15.19 15.89 0.10
CA ALA B 210 -15.27 16.00 -1.35
C ALA B 210 -14.23 15.12 -2.04
N ILE B 211 -13.02 15.04 -1.46
CA ILE B 211 -11.98 14.21 -2.05
C ILE B 211 -12.35 12.73 -1.93
N ALA B 212 -12.89 12.32 -0.79
CA ALA B 212 -13.26 10.92 -0.60
C ALA B 212 -14.35 10.50 -1.56
N ALA B 213 -15.32 11.38 -1.81
CA ALA B 213 -16.37 11.06 -2.77
C ALA B 213 -15.81 10.90 -4.17
N ALA B 214 -14.91 11.80 -4.57
CA ALA B 214 -14.26 11.68 -5.88
C ALA B 214 -13.41 10.42 -5.94
N ALA B 215 -12.83 10.01 -4.82
CA ALA B 215 -12.15 8.72 -4.76
C ALA B 215 -13.12 7.58 -4.98
N ALA B 216 -14.32 7.67 -4.41
CA ALA B 216 -15.32 6.63 -4.61
C ALA B 216 -15.76 6.56 -6.06
N GLU B 217 -15.94 7.72 -6.69
CA GLU B 217 -16.37 7.75 -8.09
C GLU B 217 -15.36 7.04 -8.99
N ALA B 218 -14.07 7.36 -8.84
CA ALA B 218 -13.06 6.71 -9.67
C ALA B 218 -12.98 5.22 -9.36
N ALA B 219 -13.15 4.84 -8.09
CA ALA B 219 -13.16 3.43 -7.73
C ALA B 219 -14.29 2.70 -8.43
N ALA B 220 -15.51 3.25 -8.37
CA ALA B 220 -16.62 2.67 -9.11
C ALA B 220 -16.41 2.76 -10.61
N ALA B 221 -15.67 3.77 -11.06
CA ALA B 221 -15.42 3.93 -12.50
C ALA B 221 -14.57 2.79 -13.03
N ALA B 222 -13.47 2.46 -12.34
CA ALA B 222 -12.62 1.36 -12.78
C ALA B 222 -13.35 0.03 -12.66
N PHE B 223 -14.18 -0.12 -11.62
CA PHE B 223 -14.94 -1.36 -11.46
C PHE B 223 -15.97 -1.52 -12.56
N GLU B 224 -16.74 -0.47 -12.85
CA GLU B 224 -17.70 -0.53 -13.94
C GLU B 224 -17.01 -0.69 -15.28
N ALA B 225 -15.77 -0.21 -15.39
CA ALA B 225 -14.99 -0.44 -16.60
C ALA B 225 -14.56 -1.90 -16.69
N PHE B 226 -14.12 -2.47 -15.57
CA PHE B 226 -13.72 -3.88 -15.52
C PHE B 226 -14.91 -4.81 -15.70
N SER B 227 -16.13 -4.29 -15.57
CA SER B 227 -17.37 -5.01 -15.85
C SER B 227 -17.64 -5.04 -17.35
N ASP B 228 -16.57 -4.94 -18.15
CA ASP B 228 -16.67 -5.03 -19.60
C ASP B 228 -15.66 -6.02 -20.18
N SER B 229 -14.95 -6.76 -19.33
CA SER B 229 -13.96 -7.72 -19.80
C SER B 229 -13.70 -8.74 -18.70
N THR B 230 -13.43 -9.98 -19.12
CA THR B 230 -13.17 -11.08 -18.21
C THR B 230 -11.77 -11.65 -18.39
N GLY B 231 -10.85 -10.89 -19.00
CA GLY B 231 -9.50 -11.35 -19.22
C GLY B 231 -8.64 -11.25 -17.97
N GLU B 232 -7.36 -11.61 -18.14
CA GLU B 232 -6.43 -11.63 -17.02
C GLU B 232 -5.64 -10.33 -16.90
N THR B 233 -4.90 -9.96 -17.95
CA THR B 233 -4.07 -8.77 -17.89
C THR B 233 -4.90 -7.49 -17.80
N VAL B 234 -6.10 -7.49 -18.39
CA VAL B 234 -6.97 -6.32 -18.28
C VAL B 234 -7.38 -6.11 -16.83
N ALA B 235 -7.72 -7.19 -16.11
CA ALA B 235 -8.03 -7.07 -14.70
C ALA B 235 -6.79 -6.68 -13.90
N GLU B 236 -5.63 -7.22 -14.26
CA GLU B 236 -4.39 -6.85 -13.57
C GLU B 236 -4.03 -5.39 -13.82
N ALA B 237 -4.27 -4.90 -15.04
CA ALA B 237 -4.03 -3.49 -15.32
C ALA B 237 -5.06 -2.61 -14.62
N VAL B 238 -6.31 -3.06 -14.53
CA VAL B 238 -7.33 -2.29 -13.85
C VAL B 238 -7.02 -2.16 -12.36
N ALA B 239 -6.56 -3.25 -11.75
CA ALA B 239 -6.20 -3.19 -10.33
C ALA B 239 -5.00 -2.28 -10.11
N LYS B 240 -4.01 -2.35 -10.99
CA LYS B 240 -2.83 -1.49 -10.86
C LYS B 240 -3.21 -0.02 -11.02
N ALA B 241 -4.02 0.29 -12.03
CA ALA B 241 -4.44 1.67 -12.23
C ALA B 241 -5.33 2.16 -11.08
N LEU B 242 -6.03 1.24 -10.42
CA LEU B 242 -6.85 1.62 -9.27
C LEU B 242 -5.96 1.99 -8.08
N LYS B 243 -4.94 1.17 -7.79
CA LYS B 243 -4.07 1.44 -6.66
C LYS B 243 -3.30 2.74 -6.84
N ALA B 244 -2.99 3.11 -8.09
CA ALA B 244 -2.28 4.36 -8.34
C ALA B 244 -3.17 5.56 -8.06
N ALA B 245 -4.44 5.48 -8.45
CA ALA B 245 -5.35 6.61 -8.24
C ALA B 245 -5.67 6.79 -6.76
N MET B 246 -5.85 5.67 -6.05
CA MET B 246 -6.08 5.75 -4.61
C MET B 246 -4.92 6.43 -3.90
N GLU B 247 -3.69 6.15 -4.34
CA GLU B 247 -2.53 6.83 -3.79
C GLU B 247 -2.56 8.32 -4.12
N ALA B 248 -3.11 8.67 -5.29
CA ALA B 248 -3.18 10.08 -5.67
C ALA B 248 -4.17 10.83 -4.78
N PHE B 249 -5.33 10.21 -4.49
CA PHE B 249 -6.33 10.89 -3.68
C PHE B 249 -5.89 11.02 -2.22
N ALA B 250 -5.19 10.01 -1.69
CA ALA B 250 -4.68 10.10 -0.33
C ALA B 250 -3.63 11.20 -0.20
N GLU B 251 -2.90 11.48 -1.27
CA GLU B 251 -1.92 12.57 -1.25
C GLU B 251 -2.61 13.93 -1.27
N ILE B 252 -3.75 14.03 -1.94
CA ILE B 252 -4.47 15.30 -2.00
C ILE B 252 -5.08 15.63 -0.64
N ALA B 253 -5.65 14.62 0.03
CA ALA B 253 -6.18 14.84 1.38
C ALA B 253 -5.06 15.19 2.34
N LYS B 254 -3.89 14.58 2.18
CA LYS B 254 -2.74 14.96 3.00
C LYS B 254 -2.34 16.41 2.72
N ALA B 255 -2.34 16.81 1.45
CA ALA B 255 -2.07 18.21 1.12
C ALA B 255 -3.10 19.14 1.74
N VAL B 256 -4.37 18.71 1.75
CA VAL B 256 -5.40 19.49 2.43
C VAL B 256 -5.12 19.53 3.93
N ALA B 257 -4.70 18.40 4.50
CA ALA B 257 -4.34 18.38 5.91
C ALA B 257 -3.10 19.24 6.18
N GLN B 258 -2.15 19.23 5.24
CA GLN B 258 -0.95 20.05 5.40
C GLN B 258 -1.31 21.54 5.41
N ALA B 259 -2.17 21.96 4.48
CA ALA B 259 -2.57 23.36 4.44
C ALA B 259 -3.37 23.74 5.68
N ALA B 260 -4.20 22.81 6.18
CA ALA B 260 -5.01 23.09 7.36
C ALA B 260 -4.15 23.45 8.56
N LYS B 261 -2.97 22.84 8.67
CA LYS B 261 -2.11 23.15 9.81
C LYS B 261 -1.54 24.56 9.71
N GLN B 262 -1.32 25.06 8.49
CA GLN B 262 -0.65 26.34 8.27
C GLN B 262 -1.61 27.52 8.20
N GLY B 263 -2.81 27.40 8.77
CA GLY B 263 -3.76 28.49 8.70
C GLY B 263 -4.17 28.77 7.27
N ALA B 264 -5.04 27.92 6.73
CA ALA B 264 -5.41 28.01 5.33
C ALA B 264 -6.62 28.91 5.15
N SER B 265 -6.77 29.41 3.93
CA SER B 265 -7.95 30.14 3.50
C SER B 265 -8.98 29.14 2.98
N GLU B 266 -9.90 29.58 2.13
CA GLU B 266 -10.96 28.71 1.64
C GLU B 266 -10.81 28.29 0.18
N ALA B 267 -10.24 29.16 -0.67
CA ALA B 267 -10.11 28.82 -2.08
C ALA B 267 -9.09 27.71 -2.30
N ALA B 268 -8.02 27.68 -1.51
CA ALA B 268 -7.08 26.56 -1.62
C ALA B 268 -7.74 25.24 -1.26
N PHE B 269 -8.64 25.26 -0.26
CA PHE B 269 -9.44 24.08 0.03
C PHE B 269 -10.35 23.75 -1.15
N GLU B 270 -10.95 24.78 -1.75
CA GLU B 270 -11.70 24.57 -2.99
C GLU B 270 -10.79 24.13 -4.13
N ALA B 271 -9.52 24.56 -4.10
CA ALA B 271 -8.58 24.14 -5.13
C ALA B 271 -8.25 22.66 -4.99
N PHE B 272 -7.89 22.23 -3.78
CA PHE B 272 -7.58 20.82 -3.55
C PHE B 272 -8.76 19.93 -3.88
N ALA B 273 -9.98 20.39 -3.57
CA ALA B 273 -11.17 19.65 -3.96
C ALA B 273 -11.42 19.70 -5.46
N ALA B 274 -10.87 20.69 -6.15
CA ALA B 274 -11.01 20.76 -7.60
C ALA B 274 -9.99 19.86 -8.29
N ILE B 275 -8.79 19.72 -7.72
CA ILE B 275 -7.78 18.86 -8.32
C ILE B 275 -8.22 17.41 -8.23
N ALA B 276 -8.70 16.99 -7.06
CA ALA B 276 -9.11 15.60 -6.88
C ALA B 276 -10.31 15.25 -7.76
N ALA B 277 -11.16 16.23 -8.06
CA ALA B 277 -12.27 15.97 -8.97
C ALA B 277 -11.76 15.75 -10.40
N ALA B 278 -10.80 16.56 -10.82
CA ALA B 278 -10.16 16.32 -12.12
C ALA B 278 -9.44 14.99 -12.13
N ALA B 279 -8.88 14.57 -11.00
CA ALA B 279 -8.29 13.25 -10.90
C ALA B 279 -9.34 12.17 -11.13
N ALA B 280 -10.55 12.38 -10.60
CA ALA B 280 -11.63 11.43 -10.84
C ALA B 280 -12.02 11.42 -12.31
N GLU B 281 -12.09 12.59 -12.93
CA GLU B 281 -12.49 12.66 -14.33
C GLU B 281 -11.58 11.83 -15.23
N ALA B 282 -10.27 11.99 -15.07
CA ALA B 282 -9.34 11.25 -15.91
C ALA B 282 -9.30 9.77 -15.54
N ALA B 283 -9.47 9.44 -14.27
CA ALA B 283 -9.55 8.03 -13.87
C ALA B 283 -10.73 7.34 -14.55
N ALA B 284 -11.88 8.02 -14.60
CA ALA B 284 -12.99 7.49 -15.37
C ALA B 284 -12.68 7.49 -16.86
N ALA B 285 -11.90 8.47 -17.32
CA ALA B 285 -11.56 8.57 -18.74
C ALA B 285 -10.68 7.40 -19.17
N ALA B 286 -9.60 7.14 -18.43
CA ALA B 286 -8.74 6.00 -18.75
C ALA B 286 -9.50 4.70 -18.63
N PHE B 287 -10.40 4.60 -17.66
CA PHE B 287 -11.20 3.38 -17.50
C PHE B 287 -12.14 3.19 -18.68
N GLU B 288 -12.80 4.27 -19.11
CA GLU B 288 -13.70 4.19 -20.26
C GLU B 288 -12.94 3.95 -21.55
N ALA B 289 -11.72 4.47 -21.66
CA ALA B 289 -10.88 4.12 -22.81
C ALA B 289 -10.45 2.66 -22.74
N PHE B 290 -10.15 2.17 -21.54
CA PHE B 290 -9.89 0.74 -21.36
C PHE B 290 -11.11 -0.09 -21.68
N SER B 291 -12.30 0.52 -21.67
CA SER B 291 -13.55 -0.10 -22.07
C SER B 291 -13.75 0.04 -23.57
N ASP B 292 -12.64 0.09 -24.31
CA ASP B 292 -12.64 0.14 -25.76
C ASP B 292 -11.62 -0.83 -26.37
N SER B 293 -11.04 -1.71 -25.55
CA SER B 293 -10.06 -2.67 -26.04
C SER B 293 -9.75 -3.67 -24.93
N THR B 294 -9.68 -4.94 -25.30
CA THR B 294 -9.21 -5.98 -24.41
C THR B 294 -7.80 -6.42 -24.74
N GLY B 295 -7.05 -5.60 -25.48
CA GLY B 295 -5.69 -5.95 -25.84
C GLY B 295 -4.75 -5.89 -24.65
N GLU B 296 -3.59 -6.53 -24.83
CA GLU B 296 -2.64 -6.65 -23.72
C GLU B 296 -1.80 -5.39 -23.56
N THR B 297 -0.95 -5.09 -24.54
CA THR B 297 -0.06 -3.92 -24.44
C THR B 297 -0.85 -2.63 -24.36
N VAL B 298 -2.06 -2.59 -24.93
CA VAL B 298 -2.91 -1.41 -24.79
C VAL B 298 -3.34 -1.25 -23.33
N ALA B 299 -3.67 -2.35 -22.67
CA ALA B 299 -4.02 -2.28 -21.26
C ALA B 299 -2.81 -1.89 -20.41
N GLU B 300 -1.62 -2.38 -20.77
CA GLU B 300 -0.42 -2.00 -20.05
C GLU B 300 -0.06 -0.54 -20.31
N ALA B 301 -0.40 -0.02 -21.49
CA ALA B 301 -0.13 1.38 -21.79
C ALA B 301 -1.11 2.30 -21.08
N VAL B 302 -2.37 1.87 -20.93
CA VAL B 302 -3.36 2.69 -20.26
C VAL B 302 -3.06 2.78 -18.78
N ALA B 303 -2.58 1.69 -18.18
CA ALA B 303 -2.20 1.74 -16.77
C ALA B 303 -1.02 2.67 -16.54
N LYS B 304 -0.04 2.65 -17.45
CA LYS B 304 1.11 3.53 -17.32
C LYS B 304 0.70 4.99 -17.40
N ALA B 305 -0.05 5.36 -18.44
CA ALA B 305 -0.50 6.74 -18.58
C ALA B 305 -1.39 7.15 -17.41
N LEU B 306 -2.11 6.20 -16.82
CA LEU B 306 -2.88 6.49 -15.61
C LEU B 306 -1.95 6.80 -14.44
N LYS B 307 -0.94 5.94 -14.21
CA LYS B 307 -0.03 6.15 -13.10
C LYS B 307 0.74 7.45 -13.23
N ALA B 308 1.14 7.81 -14.45
CA ALA B 308 1.85 9.06 -14.66
C ALA B 308 0.96 10.26 -14.39
N ALA B 309 -0.30 10.19 -14.80
CA ALA B 309 -1.20 11.33 -14.58
C ALA B 309 -1.57 11.48 -13.11
N MET B 310 -1.70 10.35 -12.39
CA MET B 310 -2.05 10.43 -10.97
C MET B 310 -0.95 11.09 -10.16
N GLU B 311 0.31 10.72 -10.41
CA GLU B 311 1.42 11.39 -9.75
C GLU B 311 1.50 12.85 -10.17
N ALA B 312 1.21 13.15 -11.44
CA ALA B 312 1.15 14.55 -11.84
C ALA B 312 0.02 15.28 -11.13
N PHE B 313 -1.12 14.60 -10.94
CA PHE B 313 -2.21 15.17 -10.15
C PHE B 313 -1.83 15.28 -8.67
N ALA B 314 -1.06 14.30 -8.17
CA ALA B 314 -0.56 14.41 -6.81
C ALA B 314 0.46 15.54 -6.68
N GLU B 315 1.18 15.84 -7.77
CA GLU B 315 2.16 16.92 -7.72
C GLU B 315 1.49 18.29 -7.72
N ILE B 316 0.33 18.41 -8.37
CA ILE B 316 -0.37 19.69 -8.42
C ILE B 316 -1.04 20.00 -7.08
N ALA B 317 -1.58 18.98 -6.41
CA ALA B 317 -2.12 19.20 -5.07
C ALA B 317 -1.03 19.52 -4.07
N LYS B 318 0.15 18.94 -4.24
CA LYS B 318 1.30 19.33 -3.43
C LYS B 318 1.73 20.76 -3.74
N ALA B 319 1.58 21.19 -5.00
CA ALA B 319 1.91 22.57 -5.35
C ALA B 319 0.87 23.54 -4.80
N VAL B 320 -0.39 23.12 -4.75
CA VAL B 320 -1.44 23.96 -4.17
C VAL B 320 -1.21 24.13 -2.68
N ALA B 321 -0.71 23.08 -2.02
CA ALA B 321 -0.41 23.18 -0.59
C ALA B 321 0.84 24.00 -0.35
N GLN B 322 1.82 23.93 -1.26
CA GLN B 322 3.03 24.71 -1.08
C GLN B 322 2.77 26.20 -1.17
N ALA B 323 1.81 26.61 -2.00
CA ALA B 323 1.45 28.03 -2.06
C ALA B 323 0.71 28.47 -0.82
N ALA B 324 -0.14 27.61 -0.27
CA ALA B 324 -0.99 28.00 0.86
C ALA B 324 -0.15 28.33 2.08
N LYS B 325 0.87 27.53 2.36
CA LYS B 325 1.74 27.78 3.52
C LYS B 325 2.43 29.14 3.43
N GLN B 326 2.66 29.62 2.21
CA GLN B 326 3.25 30.94 1.98
C GLN B 326 2.20 32.04 1.90
N GLY B 327 1.00 31.80 2.42
CA GLY B 327 -0.07 32.78 2.42
C GLY B 327 -0.31 33.33 1.03
N ALA B 328 -0.58 32.44 0.08
CA ALA B 328 -0.65 32.85 -1.32
C ALA B 328 -1.89 33.69 -1.57
N SER B 329 -2.01 34.14 -2.81
CA SER B 329 -3.15 34.91 -3.28
C SER B 329 -4.21 33.95 -3.83
N GLU B 330 -5.24 34.51 -4.46
CA GLU B 330 -6.37 33.75 -4.99
C GLU B 330 -6.17 33.28 -6.43
N GLU B 331 -5.62 34.12 -7.32
CA GLU B 331 -5.44 33.70 -8.69
C GLU B 331 -4.43 32.55 -8.81
N ALA B 332 -3.58 32.38 -7.79
CA ALA B 332 -2.66 31.24 -7.77
C ALA B 332 -3.43 29.92 -7.64
N PHE B 333 -4.26 29.81 -6.59
CA PHE B 333 -5.10 28.63 -6.46
C PHE B 333 -6.06 28.52 -7.64
N GLU B 334 -6.56 29.66 -8.13
CA GLU B 334 -7.39 29.64 -9.34
C GLU B 334 -6.61 29.13 -10.54
N LYS B 335 -5.29 29.35 -10.55
CA LYS B 335 -4.46 28.80 -11.62
C LYS B 335 -4.18 27.32 -11.38
N PHE B 336 -3.83 26.94 -10.15
CA PHE B 336 -3.49 25.56 -9.85
C PHE B 336 -4.67 24.63 -10.13
N ALA B 337 -5.89 25.10 -9.87
CA ALA B 337 -7.08 24.32 -10.22
C ALA B 337 -7.33 24.37 -11.73
N ALA B 338 -7.08 25.51 -12.37
CA ALA B 338 -7.20 25.58 -13.82
C ALA B 338 -6.14 24.75 -14.52
N ILE B 339 -4.99 24.51 -13.87
CA ILE B 339 -3.96 23.64 -14.42
C ILE B 339 -4.25 22.17 -14.16
N ALA B 340 -5.15 21.85 -13.23
CA ALA B 340 -5.61 20.50 -13.00
C ALA B 340 -6.79 20.13 -13.89
N ALA B 341 -7.63 21.12 -14.24
CA ALA B 341 -8.76 20.84 -15.13
C ALA B 341 -8.28 20.60 -16.55
N GLU B 342 -7.31 21.39 -17.01
CA GLU B 342 -6.69 21.14 -18.31
C GLU B 342 -5.87 19.86 -18.29
N ALA B 343 -5.35 19.48 -17.13
CA ALA B 343 -4.70 18.18 -17.00
C ALA B 343 -5.69 17.05 -17.22
N ALA B 344 -6.93 17.22 -16.76
CA ALA B 344 -7.95 16.20 -16.95
C ALA B 344 -8.35 16.10 -18.41
N GLU B 345 -8.55 17.24 -19.08
CA GLU B 345 -8.98 17.23 -20.47
C GLU B 345 -7.96 16.52 -21.35
N ALA B 346 -6.66 16.76 -21.12
CA ALA B 346 -5.64 16.10 -21.91
C ALA B 346 -5.56 14.61 -21.61
N ALA B 347 -5.71 14.24 -20.34
CA ALA B 347 -5.72 12.82 -20.00
C ALA B 347 -6.94 12.13 -20.61
N ALA B 348 -8.08 12.81 -20.62
CA ALA B 348 -9.24 12.29 -21.34
C ALA B 348 -8.98 12.25 -22.85
N ALA B 349 -8.16 13.19 -23.34
CA ALA B 349 -7.89 13.24 -24.78
C ALA B 349 -6.96 12.11 -25.22
N ALA B 350 -5.88 11.87 -24.47
CA ALA B 350 -4.99 10.76 -24.78
C ALA B 350 -5.73 9.44 -24.71
N PHE B 351 -6.65 9.31 -23.76
CA PHE B 351 -7.49 8.12 -23.69
C PHE B 351 -8.36 8.00 -24.94
N GLU B 352 -9.03 9.08 -25.32
CA GLU B 352 -9.88 9.06 -26.50
C GLU B 352 -9.08 8.91 -27.79
N ARG B 353 -7.83 9.34 -27.80
CA ARG B 353 -6.95 9.07 -28.93
C ARG B 353 -6.38 7.67 -28.89
N PHE B 354 -6.33 7.05 -27.69
CA PHE B 354 -5.91 5.67 -27.57
C PHE B 354 -7.04 4.69 -27.86
N SER B 355 -8.30 5.14 -27.74
CA SER B 355 -9.44 4.30 -28.09
C SER B 355 -9.53 4.04 -29.58
N ASP B 356 -8.94 4.91 -30.41
CA ASP B 356 -8.99 4.74 -31.85
C ASP B 356 -8.04 3.65 -32.36
N SER B 357 -7.27 3.00 -31.50
CA SER B 357 -6.31 2.01 -31.97
C SER B 357 -5.89 1.13 -30.80
N THR B 358 -5.97 -0.19 -31.01
CA THR B 358 -5.42 -1.15 -30.07
C THR B 358 -4.03 -1.64 -30.50
N GLY B 359 -3.42 -0.98 -31.48
CA GLY B 359 -2.08 -1.36 -31.89
C GLY B 359 -1.06 -1.10 -30.79
N GLU B 360 -0.13 -2.06 -30.64
CA GLU B 360 0.81 -2.00 -29.52
C GLU B 360 1.72 -0.79 -29.62
N THR B 361 2.27 -0.53 -30.81
CA THR B 361 3.17 0.61 -30.98
C THR B 361 2.43 1.93 -30.71
N GLU B 362 1.24 2.09 -31.27
CA GLU B 362 0.46 3.30 -31.01
C GLU B 362 0.11 3.41 -29.53
N ALA B 363 -0.03 2.27 -28.84
CA ALA B 363 -0.27 2.29 -27.41
C ALA B 363 0.95 2.76 -26.64
N GLU B 364 2.14 2.28 -27.03
CA GLU B 364 3.36 2.69 -26.35
C GLU B 364 3.72 4.14 -26.64
N LYS B 365 3.20 4.70 -27.74
CA LYS B 365 3.48 6.09 -28.09
C LYS B 365 2.56 7.05 -27.35
N VAL B 366 1.28 6.69 -27.22
CA VAL B 366 0.32 7.54 -26.52
C VAL B 366 0.61 7.56 -25.03
N ALA B 367 1.15 6.47 -24.48
CA ALA B 367 1.54 6.46 -23.07
C ALA B 367 2.69 7.41 -22.81
N LYS B 368 3.68 7.45 -23.71
CA LYS B 368 4.82 8.34 -23.54
C LYS B 368 4.39 9.80 -23.66
N GLU B 369 3.63 10.13 -24.71
CA GLU B 369 3.22 11.51 -24.94
C GLU B 369 2.38 12.04 -23.78
N LEU B 370 1.56 11.18 -23.17
CA LEU B 370 0.76 11.60 -22.02
C LEU B 370 1.64 11.89 -20.81
N LYS B 371 2.70 11.10 -20.62
CA LYS B 371 3.56 11.28 -19.45
C LYS B 371 4.44 12.51 -19.60
N GLN B 372 5.01 12.72 -20.78
CA GLN B 372 5.81 13.91 -21.02
C GLN B 372 4.98 15.18 -20.97
N LEU B 373 3.70 15.09 -21.33
CA LEU B 373 2.80 16.22 -21.17
C LEU B 373 2.37 16.36 -19.71
N MET B 374 2.18 15.24 -19.02
CA MET B 374 1.79 15.30 -17.61
C MET B 374 2.89 15.92 -16.76
N GLU B 375 4.14 15.55 -17.00
CA GLU B 375 5.25 16.15 -16.29
C GLU B 375 5.50 17.59 -16.72
N GLU B 376 4.91 18.02 -17.83
CA GLU B 376 5.06 19.42 -18.24
C GLU B 376 4.04 20.30 -17.53
N PHE B 377 2.82 19.80 -17.33
CA PHE B 377 1.80 20.54 -16.61
C PHE B 377 2.04 20.53 -15.10
N ALA B 378 2.68 19.47 -14.58
CA ALA B 378 3.10 19.48 -13.19
C ALA B 378 4.22 20.48 -12.95
N GLU B 379 5.11 20.65 -13.93
CA GLU B 379 6.15 21.66 -13.82
C GLU B 379 5.60 23.07 -13.97
N ARG B 380 4.47 23.23 -14.67
CA ARG B 380 3.79 24.52 -14.69
C ARG B 380 3.14 24.81 -13.35
N ALA B 381 2.55 23.80 -12.72
CA ALA B 381 2.10 23.96 -11.33
C ALA B 381 3.27 24.22 -10.42
N LYS B 382 4.46 23.74 -10.78
CA LYS B 382 5.67 24.09 -10.04
C LYS B 382 6.13 25.51 -10.35
N SER B 383 5.90 25.98 -11.58
CA SER B 383 6.24 27.35 -11.93
C SER B 383 5.33 28.34 -11.21
N VAL B 384 4.10 27.94 -10.90
CA VAL B 384 3.17 28.85 -10.24
C VAL B 384 3.50 28.98 -8.76
N ALA B 385 3.85 27.87 -8.10
CA ALA B 385 4.19 27.93 -6.69
C ALA B 385 5.47 28.74 -6.46
N GLU B 386 6.44 28.61 -7.37
CA GLU B 386 7.67 29.39 -7.25
C GLU B 386 7.39 30.88 -7.41
N GLN B 387 6.53 31.24 -8.38
CA GLN B 387 6.16 32.64 -8.55
C GLN B 387 5.34 33.16 -7.38
N ALA B 388 4.72 32.26 -6.61
CA ALA B 388 3.91 32.68 -5.47
C ALA B 388 4.74 32.90 -4.22
N LYS B 389 5.92 32.26 -4.14
CA LYS B 389 6.72 32.33 -2.92
C LYS B 389 7.28 33.73 -2.70
N ASN B 390 8.01 34.26 -3.68
CA ASN B 390 8.64 35.56 -3.53
C ASN B 390 7.63 36.71 -3.51
N GLY B 391 6.44 36.51 -4.06
CA GLY B 391 5.43 37.55 -4.06
C GLY B 391 4.96 38.00 -5.44
N ALA B 392 3.71 37.71 -5.76
CA ALA B 392 3.12 38.11 -7.04
C ALA B 392 1.60 38.12 -6.89
N SER B 393 0.94 38.95 -7.70
CA SER B 393 -0.51 39.15 -7.63
C SER B 393 -1.27 37.85 -7.85
#